data_7QK9
#
_entry.id   7QK9
#
_cell.length_a   82.106
_cell.length_b   90.009
_cell.length_c   158.706
_cell.angle_alpha   90.00
_cell.angle_beta   90.00
_cell.angle_gamma   90.00
#
_symmetry.space_group_name_H-M   'P 21 2 21'
#
loop_
_entity.id
_entity.type
_entity.pdbx_description
1 polymer 'Aldehyde dehydrogenase family 1 member A3'
2 non-polymer "ADENOSINE-5'-TRIPHOSPHATE"
3 non-polymer DI(HYDROXYETHYL)ETHER
4 non-polymer GLYCEROL
5 non-polymer 'O-ACETALDEHYDYL-HEXAETHYLENE GLYCOL'
6 non-polymer 'SULFATE ION'
7 water water
#
_entity_poly.entity_id   1
_entity_poly.type   'polypeptide(L)'
_entity_poly.pdbx_seq_one_letter_code
;LPRPIRNLEVKFTKIFINNEWHESKSGKKFATCNPSTREQICEVEEGDKPDVDKAVEAAQVAFQRGSPWRRLDALSRGRL
LHQLADLVERDRATLAALETMDTGKPFLHAFFIDLEGCIRTLRYFAGWADKIQGKTIPTDDNVVCFTRHEPIGVCGAITP
WNFPLLMLVWKLAPALCCGNTMVLKPAEQTPLTALYLGSLIKEAGFPPGVVNIVPGFGPTVGAAISSHPQINKIAFTGST
EVGKLVKEAASRSNLKRVTLELGGKNPCIVCADADLDLAVECAHQGVFFNQGQCCTAASRVFVEEQVYSEFVRRSVEYAK
KRPVGDPFDVKTEQGPQIDQKQFDKILELIESGKKEGAKLECGGSAMEDKGLFIKPTVFSEVTDNMRIAKEEIFGPVQPI
LKFKSIEEVIKRANSTDYGLTAAVFTKNLDKALKLASALESGTVWINCYNALYAQAPFGGFKMSGNGRELGEYALAEYTE
VKTVTIKLG
;
_entity_poly.pdbx_strand_id   A,B
#
loop_
_chem_comp.id
_chem_comp.type
_chem_comp.name
_chem_comp.formula
ATP non-polymer ADENOSINE-5'-TRIPHOSPHATE 'C10 H16 N5 O13 P3'
GOL non-polymer GLYCEROL 'C3 H8 O3'
P4C non-polymer 'O-ACETALDEHYDYL-HEXAETHYLENE GLYCOL' 'C14 H28 O8'
PEG non-polymer DI(HYDROXYETHYL)ETHER 'C4 H10 O3'
SO4 non-polymer 'SULFATE ION' 'O4 S -2'
#
# COMPACT_ATOMS: atom_id res chain seq x y z
N LEU A 1 27.06 -34.19 2.79
CA LEU A 1 26.60 -33.37 1.67
C LEU A 1 25.65 -34.15 0.78
N PRO A 2 24.58 -33.52 0.27
CA PRO A 2 23.64 -34.25 -0.60
C PRO A 2 24.25 -34.53 -1.98
N ARG A 3 23.96 -35.71 -2.54
CA ARG A 3 24.47 -36.09 -3.85
C ARG A 3 23.83 -35.25 -4.96
N PRO A 4 24.63 -34.77 -5.92
CA PRO A 4 24.06 -33.95 -7.00
C PRO A 4 23.27 -34.79 -8.01
N ILE A 5 22.10 -34.29 -8.43
CA ILE A 5 21.28 -35.00 -9.42
C ILE A 5 21.58 -34.35 -10.77
N ARG A 6 22.67 -34.79 -11.39
CA ARG A 6 23.18 -34.24 -12.65
C ARG A 6 22.37 -34.58 -13.91
N ASN A 7 21.42 -35.54 -13.81
CA ASN A 7 20.61 -35.91 -14.99
C ASN A 7 19.12 -36.04 -14.69
N LEU A 8 18.59 -35.17 -13.83
CA LEU A 8 17.19 -35.17 -13.43
C LEU A 8 16.25 -34.97 -14.62
N GLU A 9 15.21 -35.79 -14.70
CA GLU A 9 14.20 -35.67 -15.74
C GLU A 9 13.07 -34.76 -15.23
N VAL A 10 12.61 -33.83 -16.06
CA VAL A 10 11.56 -32.91 -15.67
C VAL A 10 10.19 -33.58 -15.79
N LYS A 11 9.45 -33.63 -14.68
CA LYS A 11 8.13 -34.27 -14.67
C LYS A 11 6.98 -33.28 -14.87
N PHE A 12 7.13 -32.04 -14.36
CA PHE A 12 6.03 -31.07 -14.40
C PHE A 12 6.33 -29.88 -15.31
N THR A 13 5.55 -29.77 -16.38
CA THR A 13 5.73 -28.73 -17.39
C THR A 13 4.42 -28.07 -17.81
N LYS A 14 3.32 -28.34 -17.11
CA LYS A 14 2.01 -27.84 -17.51
C LYS A 14 1.46 -26.71 -16.60
N ILE A 15 0.34 -26.10 -17.04
CA ILE A 15 -0.44 -25.11 -16.30
C ILE A 15 -1.19 -25.85 -15.18
N PHE A 16 -1.17 -25.30 -13.97
CA PHE A 16 -1.77 -25.94 -12.81
C PHE A 16 -3.01 -25.16 -12.36
N ILE A 17 -4.20 -25.71 -12.58
CA ILE A 17 -5.46 -25.05 -12.22
C ILE A 17 -6.38 -26.09 -11.58
N ASN A 18 -6.98 -25.78 -10.42
CA ASN A 18 -7.88 -26.70 -9.70
C ASN A 18 -7.23 -28.06 -9.44
N ASN A 19 -5.96 -28.03 -9.02
CA ASN A 19 -5.16 -29.22 -8.72
C ASN A 19 -5.04 -30.20 -9.90
N GLU A 20 -5.19 -29.72 -11.12
CA GLU A 20 -5.05 -30.54 -12.31
C GLU A 20 -4.06 -29.88 -13.28
N TRP A 21 -3.46 -30.69 -14.18
CA TRP A 21 -2.50 -30.21 -15.16
C TRP A 21 -3.18 -29.99 -16.50
N HIS A 22 -2.93 -28.84 -17.13
CA HIS A 22 -3.59 -28.44 -18.36
C HIS A 22 -2.60 -27.99 -19.40
N GLU A 23 -2.94 -28.24 -20.67
CA GLU A 23 -2.17 -27.66 -21.76
C GLU A 23 -2.63 -26.20 -21.88
N SER A 24 -1.81 -25.38 -22.49
CA SER A 24 -2.18 -23.99 -22.76
C SER A 24 -3.39 -23.96 -23.72
N LYS A 25 -4.28 -22.98 -23.59
CA LYS A 25 -5.46 -22.90 -24.47
C LYS A 25 -5.02 -22.80 -25.95
N SER A 26 -3.89 -22.14 -26.22
CA SER A 26 -3.38 -22.01 -27.57
C SER A 26 -2.64 -23.27 -28.09
N GLY A 27 -2.18 -24.11 -27.17
CA GLY A 27 -1.36 -25.27 -27.52
C GLY A 27 0.12 -24.95 -27.59
N LYS A 28 0.49 -23.66 -27.51
CA LYS A 28 1.86 -23.20 -27.58
C LYS A 28 2.67 -23.56 -26.37
N LYS A 29 3.96 -23.73 -26.60
CA LYS A 29 4.93 -24.06 -25.57
C LYS A 29 6.18 -23.20 -25.76
N PHE A 30 6.91 -22.97 -24.69
CA PHE A 30 8.17 -22.23 -24.75
C PHE A 30 9.26 -23.09 -24.12
N ALA A 31 10.51 -22.85 -24.51
CA ALA A 31 11.59 -23.66 -23.99
C ALA A 31 12.29 -23.04 -22.81
N THR A 32 12.74 -23.88 -21.89
CA THR A 32 13.60 -23.42 -20.81
C THR A 32 14.98 -24.01 -21.05
N CYS A 33 16.04 -23.21 -20.94
CA CYS A 33 17.39 -23.70 -21.21
C CYS A 33 18.32 -23.65 -20.00
N ASN A 34 19.27 -24.59 -19.94
CA ASN A 34 20.23 -24.69 -18.84
C ASN A 34 21.39 -23.76 -19.14
N PRO A 35 21.64 -22.72 -18.33
CA PRO A 35 22.74 -21.78 -18.65
C PRO A 35 24.16 -22.36 -18.54
N SER A 36 24.34 -23.51 -17.90
CA SER A 36 25.67 -24.10 -17.76
C SER A 36 26.06 -24.86 -19.03
N THR A 37 25.21 -25.79 -19.48
CA THR A 37 25.40 -26.61 -20.68
C THR A 37 24.95 -25.91 -21.96
N ARG A 38 24.11 -24.85 -21.84
CA ARG A 38 23.51 -24.06 -22.92
C ARG A 38 22.56 -24.91 -23.80
N GLU A 39 22.01 -25.98 -23.23
CA GLU A 39 21.10 -26.89 -23.92
C GLU A 39 19.70 -26.76 -23.34
N GLN A 40 18.70 -27.02 -24.19
CA GLN A 40 17.31 -26.99 -23.78
C GLN A 40 17.03 -28.08 -22.75
N ILE A 41 16.34 -27.72 -21.67
CA ILE A 41 15.95 -28.68 -20.64
C ILE A 41 14.64 -29.33 -21.09
N CYS A 42 13.65 -28.52 -21.48
CA CYS A 42 12.33 -29.02 -21.86
C CYS A 42 11.45 -27.87 -22.40
N GLU A 43 10.22 -28.20 -22.78
CA GLU A 43 9.22 -27.26 -23.23
C GLU A 43 8.13 -27.20 -22.14
N VAL A 44 7.72 -25.99 -21.79
CA VAL A 44 6.69 -25.76 -20.80
C VAL A 44 5.49 -25.11 -21.50
N GLU A 45 4.27 -25.41 -21.06
CA GLU A 45 3.06 -24.81 -21.64
C GLU A 45 3.12 -23.28 -21.55
N GLU A 46 2.82 -22.60 -22.66
CA GLU A 46 2.88 -21.15 -22.70
C GLU A 46 1.50 -20.54 -22.47
N GLY A 47 1.28 -20.07 -21.24
CA GLY A 47 -0.01 -19.47 -20.93
C GLY A 47 -0.24 -18.13 -21.62
N ASP A 48 -1.47 -17.68 -21.62
CA ASP A 48 -1.87 -16.37 -22.11
C ASP A 48 -3.11 -15.92 -21.31
N LYS A 49 -3.73 -14.78 -21.68
CA LYS A 49 -4.91 -14.28 -20.97
C LYS A 49 -6.02 -15.33 -20.75
N PRO A 50 -6.43 -16.18 -21.74
CA PRO A 50 -7.45 -17.19 -21.46
C PRO A 50 -7.08 -18.17 -20.35
N ASP A 51 -5.79 -18.53 -20.22
CA ASP A 51 -5.36 -19.42 -19.15
C ASP A 51 -5.42 -18.68 -17.80
N VAL A 52 -5.04 -17.39 -17.78
CA VAL A 52 -5.11 -16.56 -16.57
C VAL A 52 -6.57 -16.42 -16.13
N ASP A 53 -7.49 -16.18 -17.08
CA ASP A 53 -8.92 -16.08 -16.75
C ASP A 53 -9.48 -17.35 -16.12
N LYS A 54 -9.03 -18.51 -16.62
CA LYS A 54 -9.42 -19.80 -16.09
C LYS A 54 -8.85 -20.01 -14.66
N ALA A 55 -7.58 -19.61 -14.45
CA ALA A 55 -6.91 -19.75 -13.16
C ALA A 55 -7.57 -18.82 -12.13
N VAL A 56 -7.93 -17.59 -12.53
CA VAL A 56 -8.58 -16.63 -11.65
C VAL A 56 -9.96 -17.09 -11.25
N GLU A 57 -10.74 -17.66 -12.20
CA GLU A 57 -12.06 -18.17 -11.87
C GLU A 57 -11.95 -19.33 -10.89
N ALA A 58 -10.93 -20.19 -11.02
CA ALA A 58 -10.75 -21.29 -10.08
C ALA A 58 -10.43 -20.75 -8.68
N ALA A 59 -9.56 -19.74 -8.59
CA ALA A 59 -9.16 -19.10 -7.33
C ALA A 59 -10.36 -18.38 -6.67
N GLN A 60 -11.22 -17.74 -7.46
CA GLN A 60 -12.42 -17.07 -6.97
C GLN A 60 -13.41 -18.08 -6.40
N VAL A 61 -13.63 -19.22 -7.11
CA VAL A 61 -14.53 -20.26 -6.65
C VAL A 61 -13.99 -20.85 -5.34
N ALA A 62 -12.66 -21.07 -5.24
CA ALA A 62 -12.07 -21.61 -4.01
C ALA A 62 -12.10 -20.63 -2.82
N PHE A 63 -12.23 -19.33 -3.09
CA PHE A 63 -12.30 -18.30 -2.06
C PHE A 63 -13.77 -17.96 -1.64
N GLN A 64 -14.78 -18.43 -2.42
CA GLN A 64 -16.14 -18.02 -2.11
C GLN A 64 -16.60 -18.54 -0.74
N ARG A 65 -17.41 -17.73 -0.06
CA ARG A 65 -17.95 -18.08 1.27
C ARG A 65 -18.60 -19.45 1.25
N GLY A 66 -18.26 -20.26 2.23
CA GLY A 66 -18.77 -21.63 2.33
C GLY A 66 -17.93 -22.66 1.62
N SER A 67 -16.88 -22.24 0.90
CA SER A 67 -15.99 -23.18 0.24
C SER A 67 -15.21 -23.98 1.31
N PRO A 68 -14.69 -25.17 0.97
CA PRO A 68 -13.89 -25.92 1.94
C PRO A 68 -12.71 -25.12 2.49
N TRP A 69 -12.02 -24.33 1.61
CA TRP A 69 -10.88 -23.52 2.06
C TRP A 69 -11.31 -22.45 3.08
N ARG A 70 -12.44 -21.78 2.84
CA ARG A 70 -12.94 -20.74 3.74
C ARG A 70 -13.50 -21.29 5.05
N ARG A 71 -13.99 -22.54 5.04
CA ARG A 71 -14.56 -23.09 6.27
C ARG A 71 -13.54 -23.81 7.15
N LEU A 72 -12.29 -23.97 6.70
CA LEU A 72 -11.25 -24.57 7.53
C LEU A 72 -10.98 -23.68 8.74
N ASP A 73 -10.76 -24.29 9.91
CA ASP A 73 -10.41 -23.47 11.07
C ASP A 73 -9.00 -22.92 10.90
N ALA A 74 -8.66 -21.86 11.66
CA ALA A 74 -7.35 -21.21 11.55
C ALA A 74 -6.19 -22.17 11.73
N LEU A 75 -6.25 -23.06 12.74
CA LEU A 75 -5.15 -23.98 12.97
C LEU A 75 -4.95 -24.98 11.81
N SER A 76 -6.02 -25.31 11.04
CA SER A 76 -5.94 -26.26 9.91
C SER A 76 -5.18 -25.73 8.69
N ARG A 77 -5.25 -24.41 8.47
CA ARG A 77 -4.44 -23.78 7.42
C ARG A 77 -2.97 -23.88 7.82
N GLY A 78 -2.66 -23.72 9.11
CA GLY A 78 -1.30 -23.88 9.60
C GLY A 78 -0.79 -25.29 9.37
N ARG A 79 -1.64 -26.31 9.67
CA ARG A 79 -1.29 -27.73 9.45
C ARG A 79 -0.98 -27.98 7.99
N LEU A 80 -1.78 -27.39 7.07
CA LEU A 80 -1.55 -27.51 5.63
C LEU A 80 -0.19 -26.94 5.20
N LEU A 81 0.16 -25.73 5.69
CA LEU A 81 1.45 -25.11 5.39
C LEU A 81 2.63 -25.94 5.97
N HIS A 82 2.43 -26.55 7.15
CA HIS A 82 3.46 -27.41 7.74
C HIS A 82 3.64 -28.66 6.91
N GLN A 83 2.54 -29.25 6.41
CA GLN A 83 2.63 -30.43 5.56
C GLN A 83 3.34 -30.09 4.25
N LEU A 84 3.05 -28.92 3.69
CA LEU A 84 3.73 -28.48 2.48
C LEU A 84 5.25 -28.33 2.75
N ALA A 85 5.63 -27.75 3.92
CA ALA A 85 7.04 -27.64 4.29
C ALA A 85 7.70 -29.03 4.40
N ASP A 86 6.99 -30.01 4.98
CA ASP A 86 7.53 -31.39 5.08
C ASP A 86 7.78 -31.98 3.70
N LEU A 87 6.88 -31.72 2.74
CA LEU A 87 7.06 -32.23 1.38
C LEU A 87 8.21 -31.53 0.67
N VAL A 88 8.40 -30.21 0.90
CA VAL A 88 9.51 -29.47 0.32
C VAL A 88 10.83 -30.02 0.91
N GLU A 89 10.86 -30.31 2.21
CA GLU A 89 12.05 -30.89 2.85
C GLU A 89 12.33 -32.31 2.30
N ARG A 90 11.27 -33.14 2.13
CA ARG A 90 11.39 -34.49 1.59
C ARG A 90 11.99 -34.45 0.17
N ASP A 91 11.49 -33.52 -0.67
CA ASP A 91 11.95 -33.37 -2.06
C ASP A 91 12.95 -32.28 -2.31
N ARG A 92 13.67 -31.88 -1.25
CA ARG A 92 14.69 -30.84 -1.24
C ARG A 92 15.77 -30.99 -2.32
N ALA A 93 16.26 -32.23 -2.51
CA ALA A 93 17.29 -32.50 -3.52
C ALA A 93 16.79 -32.26 -4.95
N THR A 94 15.58 -32.78 -5.27
CA THR A 94 14.95 -32.62 -6.59
C THR A 94 14.71 -31.13 -6.88
N LEU A 95 14.17 -30.39 -5.91
CA LEU A 95 13.93 -28.96 -6.08
C LEU A 95 15.21 -28.14 -6.25
N ALA A 96 16.27 -28.44 -5.46
CA ALA A 96 17.55 -27.73 -5.59
C ALA A 96 18.15 -28.03 -6.96
N ALA A 97 18.08 -29.29 -7.43
CA ALA A 97 18.58 -29.66 -8.76
C ALA A 97 17.80 -28.93 -9.86
N LEU A 98 16.46 -28.85 -9.76
CA LEU A 98 15.65 -28.11 -10.75
C LEU A 98 16.04 -26.64 -10.78
N GLU A 99 16.31 -26.05 -9.60
CA GLU A 99 16.73 -24.65 -9.49
C GLU A 99 18.13 -24.41 -10.10
N THR A 100 19.08 -25.33 -9.88
CA THR A 100 20.43 -25.25 -10.46
C THR A 100 20.32 -25.35 -11.99
N MET A 101 19.53 -26.30 -12.49
CA MET A 101 19.29 -26.48 -13.93
C MET A 101 18.78 -25.19 -14.60
N ASP A 102 17.74 -24.56 -14.03
CA ASP A 102 17.14 -23.33 -14.57
C ASP A 102 17.98 -22.06 -14.39
N THR A 103 18.69 -21.91 -13.26
CA THR A 103 19.38 -20.65 -12.96
C THR A 103 20.90 -20.62 -13.08
N GLY A 104 21.52 -21.79 -12.98
CA GLY A 104 22.97 -21.88 -13.00
C GLY A 104 23.62 -21.71 -11.63
N LYS A 105 22.82 -21.54 -10.55
CA LYS A 105 23.42 -21.38 -9.22
C LYS A 105 23.98 -22.73 -8.75
N PRO A 106 25.05 -22.73 -7.95
CA PRO A 106 25.60 -24.02 -7.46
C PRO A 106 24.56 -24.85 -6.74
N PHE A 107 24.57 -26.17 -6.96
CA PHE A 107 23.62 -27.08 -6.35
C PHE A 107 23.57 -26.97 -4.82
N LEU A 108 24.72 -26.85 -4.17
CA LEU A 108 24.79 -26.74 -2.71
C LEU A 108 24.23 -25.40 -2.20
N HIS A 109 24.32 -24.34 -3.01
CA HIS A 109 23.76 -23.03 -2.68
C HIS A 109 22.25 -23.12 -2.77
N ALA A 110 21.71 -23.77 -3.82
CA ALA A 110 20.27 -23.95 -3.95
C ALA A 110 19.74 -24.81 -2.78
N PHE A 111 20.50 -25.85 -2.41
CA PHE A 111 20.11 -26.78 -1.35
C PHE A 111 20.09 -26.16 0.06
N PHE A 112 21.20 -25.52 0.47
CA PHE A 112 21.37 -24.99 1.83
C PHE A 112 20.93 -23.52 1.99
N ILE A 113 20.74 -22.80 0.87
CA ILE A 113 20.31 -21.41 0.96
C ILE A 113 18.85 -21.29 0.49
N ASP A 114 18.55 -21.40 -0.83
CA ASP A 114 17.19 -21.25 -1.37
C ASP A 114 16.17 -22.17 -0.71
N LEU A 115 16.45 -23.48 -0.70
CA LEU A 115 15.54 -24.45 -0.16
C LEU A 115 15.39 -24.30 1.35
N GLU A 116 16.46 -23.94 2.06
CA GLU A 116 16.37 -23.72 3.51
C GLU A 116 15.45 -22.51 3.79
N GLY A 117 15.59 -21.46 2.98
CA GLY A 117 14.74 -20.28 3.09
C GLY A 117 13.28 -20.61 2.85
N CYS A 118 13.01 -21.47 1.86
CA CYS A 118 11.66 -21.92 1.53
C CYS A 118 11.02 -22.66 2.70
N ILE A 119 11.75 -23.64 3.27
CA ILE A 119 11.24 -24.44 4.37
C ILE A 119 11.01 -23.56 5.59
N ARG A 120 11.98 -22.72 5.93
CA ARG A 120 11.87 -21.85 7.09
C ARG A 120 10.72 -20.86 6.93
N THR A 121 10.53 -20.31 5.72
CA THR A 121 9.42 -19.35 5.50
C THR A 121 8.06 -20.02 5.62
N LEU A 122 7.89 -21.23 5.05
CA LEU A 122 6.63 -21.94 5.15
C LEU A 122 6.31 -22.28 6.61
N ARG A 123 7.30 -22.74 7.39
CA ARG A 123 7.05 -23.10 8.79
C ARG A 123 6.74 -21.91 9.67
N TYR A 124 7.40 -20.79 9.40
CA TYR A 124 7.15 -19.56 10.15
C TYR A 124 5.71 -19.05 9.97
N PHE A 125 5.26 -18.96 8.71
CA PHE A 125 3.91 -18.49 8.42
C PHE A 125 2.85 -19.51 8.76
N ALA A 126 3.20 -20.83 8.75
CA ALA A 126 2.25 -21.83 9.26
C ALA A 126 1.88 -21.52 10.73
N GLY A 127 2.84 -20.98 11.49
CA GLY A 127 2.65 -20.60 12.88
C GLY A 127 1.83 -19.35 13.08
N TRP A 128 1.74 -18.49 12.04
CA TRP A 128 0.92 -17.28 12.15
C TRP A 128 -0.57 -17.54 11.91
N ALA A 129 -0.95 -18.63 11.22
CA ALA A 129 -2.35 -18.86 10.83
C ALA A 129 -3.38 -18.62 11.93
N ASP A 130 -3.16 -19.16 13.14
CA ASP A 130 -4.10 -18.97 14.24
C ASP A 130 -3.72 -17.84 15.20
N LYS A 131 -2.86 -16.95 14.71
CA LYS A 131 -2.37 -15.82 15.48
C LYS A 131 -2.59 -14.46 14.75
N ILE A 132 -3.39 -14.43 13.68
CA ILE A 132 -3.72 -13.19 12.97
C ILE A 132 -4.83 -12.58 13.80
N GLN A 133 -4.51 -11.55 14.58
CA GLN A 133 -5.49 -11.00 15.50
C GLN A 133 -5.81 -9.59 15.19
N GLY A 134 -7.09 -9.27 15.23
CA GLY A 134 -7.54 -7.89 15.13
C GLY A 134 -7.60 -7.29 16.52
N LYS A 135 -8.33 -6.20 16.67
CA LYS A 135 -8.40 -5.48 17.94
C LYS A 135 -9.82 -5.26 18.48
N THR A 136 -9.95 -5.10 19.81
CA THR A 136 -11.19 -4.61 20.39
C THR A 136 -10.83 -3.21 20.82
N ILE A 137 -11.63 -2.25 20.43
CA ILE A 137 -11.31 -0.85 20.62
C ILE A 137 -12.28 -0.15 21.55
N PRO A 138 -11.77 0.51 22.60
CA PRO A 138 -12.68 1.21 23.52
C PRO A 138 -13.20 2.49 22.90
N THR A 139 -14.52 2.70 22.96
CA THR A 139 -15.14 3.88 22.39
C THR A 139 -16.02 4.52 23.51
N ASP A 140 -17.31 4.18 23.55
CA ASP A 140 -18.32 4.68 24.45
C ASP A 140 -18.88 3.52 25.26
N ASP A 141 -19.51 3.85 26.37
CA ASP A 141 -20.12 2.88 27.27
C ASP A 141 -21.14 1.99 26.55
N ASN A 142 -21.86 2.53 25.56
CA ASN A 142 -22.89 1.74 24.87
C ASN A 142 -22.46 1.23 23.49
N VAL A 143 -21.14 1.13 23.22
CA VAL A 143 -20.66 0.70 21.92
C VAL A 143 -19.65 -0.43 22.02
N VAL A 144 -19.79 -1.41 21.14
CA VAL A 144 -18.86 -2.53 21.03
C VAL A 144 -18.20 -2.37 19.63
N CYS A 145 -16.91 -2.03 19.63
CA CYS A 145 -16.18 -1.80 18.40
C CYS A 145 -14.98 -2.75 18.30
N PHE A 146 -14.80 -3.38 17.14
CA PHE A 146 -13.68 -4.28 16.93
C PHE A 146 -13.25 -4.33 15.46
N THR A 147 -12.04 -4.83 15.21
CA THR A 147 -11.58 -5.02 13.85
C THR A 147 -11.35 -6.51 13.59
N ARG A 148 -11.56 -6.90 12.36
CA ARG A 148 -11.30 -8.24 11.85
C ARG A 148 -10.23 -8.04 10.75
N HIS A 149 -9.26 -8.96 10.70
CA HIS A 149 -8.21 -8.92 9.70
C HIS A 149 -8.58 -10.02 8.71
N GLU A 150 -9.45 -9.69 7.76
CA GLU A 150 -9.95 -10.69 6.82
C GLU A 150 -8.99 -10.97 5.69
N PRO A 151 -9.03 -12.15 5.05
CA PRO A 151 -8.19 -12.34 3.83
C PRO A 151 -8.65 -11.35 2.76
N ILE A 152 -7.73 -10.93 1.87
CA ILE A 152 -8.08 -10.01 0.78
C ILE A 152 -8.88 -10.69 -0.32
N GLY A 153 -8.49 -11.90 -0.66
CA GLY A 153 -9.16 -12.64 -1.72
C GLY A 153 -8.16 -13.30 -2.65
N VAL A 154 -8.35 -13.13 -3.97
CA VAL A 154 -7.44 -13.70 -4.96
C VAL A 154 -6.14 -12.85 -5.07
N CYS A 155 -5.01 -13.48 -4.80
CA CYS A 155 -3.71 -12.81 -4.83
C CYS A 155 -2.87 -13.28 -6.02
N GLY A 156 -2.38 -12.35 -6.79
CA GLY A 156 -1.46 -12.67 -7.88
C GLY A 156 -0.02 -12.55 -7.40
N ALA A 157 0.85 -13.46 -7.85
CA ALA A 157 2.27 -13.42 -7.47
C ALA A 157 3.12 -13.47 -8.75
N ILE A 158 3.94 -12.46 -8.99
CA ILE A 158 4.76 -12.41 -10.19
C ILE A 158 6.20 -12.37 -9.70
N THR A 159 7.01 -13.37 -10.08
CA THR A 159 8.36 -13.51 -9.57
C THR A 159 9.49 -13.49 -10.63
N PRO A 160 10.73 -13.20 -10.17
CA PRO A 160 11.87 -13.12 -11.08
C PRO A 160 12.66 -14.43 -11.25
N TRP A 161 13.70 -14.41 -12.09
CA TRP A 161 14.52 -15.59 -12.38
C TRP A 161 15.67 -15.86 -11.38
N ASN A 162 16.09 -14.89 -10.54
CA ASN A 162 17.28 -15.09 -9.70
C ASN A 162 17.09 -16.03 -8.49
N PHE A 163 15.92 -15.96 -7.82
CA PHE A 163 15.60 -16.86 -6.70
C PHE A 163 14.17 -17.29 -6.96
N PRO A 164 13.94 -18.15 -7.97
CA PRO A 164 12.56 -18.46 -8.39
C PRO A 164 11.64 -19.03 -7.32
N LEU A 165 12.03 -20.16 -6.71
CA LEU A 165 11.17 -20.77 -5.70
C LEU A 165 11.08 -19.90 -4.47
N LEU A 166 12.20 -19.31 -4.02
CA LEU A 166 12.19 -18.52 -2.78
C LEU A 166 11.26 -17.29 -2.84
N MET A 167 11.30 -16.52 -3.94
CA MET A 167 10.44 -15.35 -4.11
C MET A 167 8.95 -15.70 -4.19
N LEU A 168 8.65 -16.88 -4.75
CA LEU A 168 7.31 -17.39 -4.80
C LEU A 168 6.87 -17.75 -3.37
N VAL A 169 7.72 -18.47 -2.62
CA VAL A 169 7.35 -18.92 -1.27
C VAL A 169 7.17 -17.72 -0.31
N TRP A 170 7.96 -16.67 -0.49
CA TRP A 170 7.83 -15.44 0.30
C TRP A 170 6.42 -14.82 0.18
N LYS A 171 5.73 -15.05 -0.96
CA LYS A 171 4.36 -14.56 -1.20
C LYS A 171 3.34 -15.64 -0.80
N LEU A 172 3.54 -16.89 -1.23
CA LEU A 172 2.62 -17.99 -0.95
C LEU A 172 2.42 -18.24 0.56
N ALA A 173 3.50 -18.27 1.32
CA ALA A 173 3.42 -18.57 2.74
C ALA A 173 2.49 -17.62 3.52
N PRO A 174 2.71 -16.28 3.49
CA PRO A 174 1.75 -15.40 4.19
C PRO A 174 0.38 -15.36 3.52
N ALA A 175 0.31 -15.46 2.18
CA ALA A 175 -0.98 -15.40 1.49
C ALA A 175 -1.92 -16.50 1.97
N LEU A 176 -1.43 -17.74 2.01
CA LEU A 176 -2.21 -18.88 2.39
C LEU A 176 -2.45 -18.93 3.91
N CYS A 177 -1.46 -18.49 4.72
CA CYS A 177 -1.67 -18.49 6.16
C CYS A 177 -2.83 -17.52 6.55
N CYS A 178 -3.02 -16.45 5.74
CA CYS A 178 -4.11 -15.46 5.91
C CYS A 178 -5.46 -15.90 5.31
N GLY A 179 -5.48 -16.98 4.55
CA GLY A 179 -6.70 -17.54 4.00
C GLY A 179 -7.02 -17.14 2.56
N ASN A 180 -6.08 -16.47 1.87
CA ASN A 180 -6.28 -16.06 0.48
C ASN A 180 -6.13 -17.26 -0.47
N THR A 181 -6.50 -17.06 -1.75
CA THR A 181 -6.26 -18.02 -2.84
C THR A 181 -5.33 -17.29 -3.82
N MET A 182 -4.68 -18.04 -4.71
CA MET A 182 -3.60 -17.46 -5.52
C MET A 182 -3.54 -17.83 -6.99
N VAL A 183 -2.94 -16.92 -7.77
CA VAL A 183 -2.59 -17.15 -9.17
C VAL A 183 -1.12 -16.76 -9.25
N LEU A 184 -0.23 -17.74 -9.52
CA LEU A 184 1.22 -17.55 -9.55
C LEU A 184 1.76 -17.49 -10.99
N LYS A 185 2.70 -16.60 -11.23
CA LYS A 185 3.39 -16.54 -12.53
C LYS A 185 4.87 -16.52 -12.30
N PRO A 186 5.53 -17.67 -12.45
CA PRO A 186 6.99 -17.68 -12.37
C PRO A 186 7.61 -16.98 -13.59
N ALA A 187 8.88 -16.58 -13.49
CA ALA A 187 9.58 -15.95 -14.63
C ALA A 187 9.68 -16.94 -15.80
N GLU A 188 9.61 -16.43 -17.03
CA GLU A 188 9.69 -17.29 -18.21
C GLU A 188 11.03 -18.04 -18.27
N GLN A 189 12.11 -17.44 -17.75
CA GLN A 189 13.42 -18.09 -17.74
C GLN A 189 13.47 -19.27 -16.76
N THR A 190 12.71 -19.19 -15.65
CA THR A 190 12.74 -20.18 -14.58
C THR A 190 11.37 -20.72 -14.07
N PRO A 191 10.65 -21.53 -14.86
CA PRO A 191 9.35 -22.04 -14.39
C PRO A 191 9.35 -23.40 -13.67
N LEU A 192 10.46 -24.16 -13.73
CA LEU A 192 10.46 -25.54 -13.25
C LEU A 192 10.15 -25.75 -11.76
N THR A 193 10.78 -25.00 -10.83
CA THR A 193 10.51 -25.22 -9.39
C THR A 193 9.10 -24.84 -9.00
N ALA A 194 8.53 -23.82 -9.65
CA ALA A 194 7.16 -23.39 -9.40
C ALA A 194 6.18 -24.52 -9.75
N LEU A 195 6.37 -25.17 -10.92
CA LEU A 195 5.48 -26.25 -11.32
C LEU A 195 5.66 -27.49 -10.45
N TYR A 196 6.90 -27.76 -10.00
CA TYR A 196 7.10 -28.90 -9.09
C TYR A 196 6.38 -28.60 -7.75
N LEU A 197 6.43 -27.34 -7.28
CA LEU A 197 5.72 -26.96 -6.06
C LEU A 197 4.22 -27.20 -6.18
N GLY A 198 3.65 -26.97 -7.38
CA GLY A 198 2.24 -27.27 -7.62
C GLY A 198 1.87 -28.72 -7.31
N SER A 199 2.73 -29.68 -7.73
CA SER A 199 2.48 -31.09 -7.42
C SER A 199 2.50 -31.33 -5.90
N LEU A 200 3.38 -30.62 -5.17
CA LEU A 200 3.43 -30.74 -3.70
C LEU A 200 2.22 -30.09 -3.01
N ILE A 201 1.66 -29.01 -3.60
CA ILE A 201 0.47 -28.35 -3.06
C ILE A 201 -0.72 -29.30 -3.09
N LYS A 202 -0.86 -30.03 -4.20
CA LYS A 202 -1.93 -31.01 -4.36
C LYS A 202 -1.70 -32.17 -3.37
N GLU A 203 -0.45 -32.66 -3.28
CA GLU A 203 -0.13 -33.76 -2.38
C GLU A 203 -0.38 -33.41 -0.92
N ALA A 204 -0.10 -32.16 -0.53
CA ALA A 204 -0.28 -31.67 0.85
C ALA A 204 -1.75 -31.59 1.28
N GLY A 205 -2.67 -31.57 0.33
CA GLY A 205 -4.10 -31.57 0.63
C GLY A 205 -4.80 -30.23 0.51
N PHE A 206 -4.15 -29.23 -0.15
CA PHE A 206 -4.82 -27.93 -0.34
C PHE A 206 -6.02 -28.15 -1.27
N PRO A 207 -7.21 -27.63 -0.92
CA PRO A 207 -8.37 -27.79 -1.81
C PRO A 207 -8.11 -27.26 -3.23
N PRO A 208 -8.72 -27.84 -4.26
CA PRO A 208 -8.49 -27.32 -5.63
C PRO A 208 -8.78 -25.83 -5.79
N GLY A 209 -7.92 -25.14 -6.52
CA GLY A 209 -8.13 -23.72 -6.79
C GLY A 209 -7.52 -22.76 -5.80
N VAL A 210 -7.03 -23.29 -4.65
CA VAL A 210 -6.37 -22.45 -3.67
C VAL A 210 -5.04 -21.90 -4.23
N VAL A 211 -4.29 -22.72 -5.01
CA VAL A 211 -3.08 -22.24 -5.66
C VAL A 211 -3.16 -22.64 -7.12
N ASN A 212 -3.00 -21.67 -8.02
CA ASN A 212 -3.02 -21.90 -9.46
C ASN A 212 -1.74 -21.32 -10.07
N ILE A 213 -1.13 -22.01 -11.05
CA ILE A 213 0.17 -21.60 -11.60
C ILE A 213 0.10 -21.52 -13.11
N VAL A 214 0.44 -20.34 -13.66
CA VAL A 214 0.39 -20.13 -15.09
C VAL A 214 1.73 -19.66 -15.63
N PRO A 215 2.53 -20.58 -16.16
CA PRO A 215 3.81 -20.16 -16.77
C PRO A 215 3.56 -19.35 -18.04
N GLY A 216 4.53 -18.51 -18.40
CA GLY A 216 4.40 -17.67 -19.58
C GLY A 216 5.20 -16.38 -19.49
N PHE A 217 5.02 -15.51 -20.49
CA PHE A 217 5.73 -14.26 -20.61
C PHE A 217 5.09 -13.14 -19.82
N GLY A 218 5.86 -12.08 -19.61
CA GLY A 218 5.45 -10.91 -18.85
C GLY A 218 4.32 -10.10 -19.45
N PRO A 219 4.48 -9.56 -20.68
CA PRO A 219 3.39 -8.76 -21.28
C PRO A 219 2.14 -9.56 -21.62
N THR A 220 2.22 -10.90 -21.58
CA THR A 220 1.06 -11.72 -21.84
C THR A 220 0.43 -12.12 -20.47
N VAL A 221 0.97 -13.15 -19.78
CA VAL A 221 0.45 -13.64 -18.51
C VAL A 221 0.56 -12.60 -17.41
N GLY A 222 1.72 -11.97 -17.27
CA GLY A 222 1.95 -11.00 -16.20
C GLY A 222 1.01 -9.82 -16.27
N ALA A 223 0.92 -9.21 -17.45
CA ALA A 223 0.01 -8.09 -17.67
C ALA A 223 -1.45 -8.52 -17.49
N ALA A 224 -1.82 -9.76 -17.84
CA ALA A 224 -3.20 -10.21 -17.65
C ALA A 224 -3.51 -10.29 -16.14
N ILE A 225 -2.51 -10.67 -15.31
CA ILE A 225 -2.67 -10.74 -13.88
C ILE A 225 -2.77 -9.33 -13.29
N SER A 226 -1.86 -8.45 -13.65
CA SER A 226 -1.81 -7.10 -13.10
C SER A 226 -3.08 -6.25 -13.42
N SER A 227 -3.70 -6.52 -14.58
CA SER A 227 -4.88 -5.81 -15.03
C SER A 227 -6.20 -6.52 -14.74
N HIS A 228 -6.17 -7.74 -14.17
CA HIS A 228 -7.40 -8.51 -13.95
C HIS A 228 -8.36 -7.86 -12.98
N PRO A 229 -9.65 -7.77 -13.36
CA PRO A 229 -10.63 -7.15 -12.46
C PRO A 229 -11.05 -8.02 -11.27
N GLN A 230 -10.73 -9.33 -11.28
CA GLN A 230 -11.09 -10.20 -10.16
C GLN A 230 -9.86 -10.66 -9.33
N ILE A 231 -8.69 -10.01 -9.53
CA ILE A 231 -7.53 -10.24 -8.66
C ILE A 231 -7.55 -9.05 -7.69
N ASN A 232 -7.55 -9.33 -6.40
CA ASN A 232 -7.69 -8.28 -5.38
C ASN A 232 -6.33 -7.76 -4.87
N LYS A 233 -5.26 -8.53 -5.08
CA LYS A 233 -3.95 -8.13 -4.59
C LYS A 233 -2.89 -8.72 -5.47
N ILE A 234 -1.80 -8.00 -5.69
CA ILE A 234 -0.67 -8.53 -6.42
C ILE A 234 0.63 -8.29 -5.65
N ALA A 235 1.52 -9.26 -5.65
CA ALA A 235 2.85 -9.12 -5.07
C ALA A 235 3.83 -9.38 -6.21
N PHE A 236 4.73 -8.45 -6.43
CA PHE A 236 5.69 -8.52 -7.52
C PHE A 236 7.13 -8.41 -7.01
N THR A 237 8.03 -9.22 -7.55
CA THR A 237 9.46 -9.06 -7.29
C THR A 237 10.14 -9.04 -8.65
N GLY A 238 10.98 -8.05 -8.87
CA GLY A 238 11.67 -7.89 -10.15
C GLY A 238 12.22 -6.51 -10.36
N SER A 239 12.30 -6.05 -11.63
CA SER A 239 12.89 -4.74 -11.92
C SER A 239 11.97 -3.58 -11.58
N THR A 240 12.58 -2.43 -11.28
CA THR A 240 11.87 -1.18 -10.98
C THR A 240 10.98 -0.77 -12.17
N GLU A 241 11.50 -0.91 -13.42
CA GLU A 241 10.72 -0.54 -14.60
C GLU A 241 9.43 -1.35 -14.71
N VAL A 242 9.51 -2.67 -14.51
CA VAL A 242 8.32 -3.51 -14.61
C VAL A 242 7.40 -3.32 -13.42
N GLY A 243 7.95 -3.13 -12.21
CA GLY A 243 7.15 -2.88 -11.02
C GLY A 243 6.26 -1.66 -11.21
N LYS A 244 6.77 -0.63 -11.89
CA LYS A 244 6.00 0.58 -12.19
C LYS A 244 4.84 0.24 -13.13
N LEU A 245 5.09 -0.56 -14.19
CA LEU A 245 4.05 -0.98 -15.11
C LEU A 245 2.96 -1.79 -14.38
N VAL A 246 3.37 -2.71 -13.48
CA VAL A 246 2.44 -3.54 -12.71
C VAL A 246 1.56 -2.65 -11.82
N LYS A 247 2.16 -1.70 -11.12
CA LYS A 247 1.40 -0.82 -10.24
C LYS A 247 0.47 0.10 -10.98
N GLU A 248 0.90 0.63 -12.13
CA GLU A 248 0.03 1.48 -12.94
C GLU A 248 -1.13 0.65 -13.48
N ALA A 249 -0.87 -0.61 -13.87
CA ALA A 249 -1.94 -1.48 -14.36
C ALA A 249 -2.97 -1.81 -13.25
N ALA A 250 -2.48 -1.96 -12.02
CA ALA A 250 -3.31 -2.22 -10.87
C ALA A 250 -4.23 -1.03 -10.60
N SER A 251 -3.69 0.20 -10.67
CA SER A 251 -4.43 1.42 -10.39
C SER A 251 -5.54 1.64 -11.42
N ARG A 252 -5.18 1.48 -12.70
CA ARG A 252 -6.04 1.66 -13.85
C ARG A 252 -7.21 0.66 -13.90
N SER A 253 -6.97 -0.55 -13.39
CA SER A 253 -7.96 -1.59 -13.46
C SER A 253 -8.94 -1.56 -12.26
N ASN A 254 -8.65 -2.25 -11.15
CA ASN A 254 -9.60 -2.31 -10.02
C ASN A 254 -9.03 -1.83 -8.70
N LEU A 255 -7.92 -1.08 -8.73
CA LEU A 255 -7.25 -0.62 -7.53
C LEU A 255 -6.83 -1.74 -6.60
N LYS A 256 -6.46 -2.90 -7.18
CA LYS A 256 -5.93 -4.02 -6.41
C LYS A 256 -4.67 -3.56 -5.62
N ARG A 257 -4.53 -4.07 -4.39
N ARG A 257 -4.54 -4.06 -4.41
CA ARG A 257 -3.45 -3.78 -3.47
CA ARG A 257 -3.40 -3.68 -3.57
C ARG A 257 -2.12 -4.32 -4.08
C ARG A 257 -2.12 -4.29 -4.12
N VAL A 258 -1.02 -3.55 -4.02
CA VAL A 258 0.23 -3.98 -4.65
C VAL A 258 1.44 -3.94 -3.75
N THR A 259 2.14 -5.07 -3.60
CA THR A 259 3.43 -5.10 -2.91
C THR A 259 4.51 -5.16 -4.01
N LEU A 260 5.56 -4.36 -3.90
CA LEU A 260 6.67 -4.40 -4.87
C LEU A 260 7.99 -4.62 -4.16
N GLU A 261 8.82 -5.53 -4.66
CA GLU A 261 10.17 -5.76 -4.10
C GLU A 261 11.05 -5.58 -5.34
N LEU A 262 11.77 -4.46 -5.41
CA LEU A 262 12.48 -4.08 -6.62
C LEU A 262 14.03 -4.07 -6.44
N GLY A 263 14.73 -3.45 -7.38
CA GLY A 263 16.18 -3.40 -7.31
C GLY A 263 16.69 -2.44 -6.25
N GLY A 264 18.00 -2.48 -6.10
CA GLY A 264 18.67 -1.59 -5.19
C GLY A 264 20.03 -1.19 -5.73
N LYS A 265 20.59 -0.15 -5.15
CA LYS A 265 21.94 0.35 -5.42
C LYS A 265 22.52 0.38 -3.99
N ASN A 266 22.69 -0.80 -3.44
CA ASN A 266 23.01 -1.02 -2.03
C ASN A 266 24.45 -0.71 -1.62
N PRO A 267 24.62 0.17 -0.63
CA PRO A 267 25.98 0.48 -0.15
C PRO A 267 26.49 -0.51 0.89
N CYS A 268 27.79 -0.67 0.91
CA CYS A 268 28.45 -1.51 1.91
C CYS A 268 29.56 -0.62 2.42
N ILE A 269 29.43 -0.15 3.68
CA ILE A 269 30.31 0.82 4.29
C ILE A 269 31.28 0.14 5.26
N VAL A 270 32.59 0.27 5.01
CA VAL A 270 33.63 -0.34 5.83
C VAL A 270 34.39 0.75 6.53
N CYS A 271 34.26 0.82 7.87
CA CYS A 271 34.94 1.86 8.63
C CYS A 271 36.39 1.41 8.95
N ALA A 272 37.24 2.37 9.31
CA ALA A 272 38.64 2.07 9.66
C ALA A 272 38.73 1.20 10.91
N ASP A 273 37.76 1.33 11.85
CA ASP A 273 37.78 0.51 13.07
C ASP A 273 37.10 -0.85 12.92
N ALA A 274 36.78 -1.27 11.69
CA ALA A 274 36.12 -2.54 11.45
C ALA A 274 37.04 -3.72 11.70
N ASP A 275 36.50 -4.95 11.84
CA ASP A 275 37.26 -6.18 11.85
C ASP A 275 37.46 -6.36 10.35
N LEU A 276 38.63 -5.93 9.82
CA LEU A 276 38.88 -5.90 8.39
C LEU A 276 38.65 -7.23 7.68
N ASP A 277 39.13 -8.34 8.23
CA ASP A 277 38.92 -9.64 7.57
C ASP A 277 37.44 -10.01 7.51
N LEU A 278 36.66 -9.63 8.55
CA LEU A 278 35.22 -9.89 8.53
C LEU A 278 34.56 -9.08 7.40
N ALA A 279 34.90 -7.78 7.30
CA ALA A 279 34.35 -6.91 6.25
C ALA A 279 34.72 -7.38 4.86
N VAL A 280 35.95 -7.89 4.67
CA VAL A 280 36.41 -8.37 3.35
C VAL A 280 35.59 -9.58 2.96
N GLU A 281 35.47 -10.57 3.86
CA GLU A 281 34.70 -11.79 3.60
C GLU A 281 33.21 -11.45 3.34
N CYS A 282 32.62 -10.53 4.14
CA CYS A 282 31.21 -10.17 3.97
C CYS A 282 30.95 -9.37 2.72
N ALA A 283 31.76 -8.34 2.42
CA ALA A 283 31.57 -7.57 1.18
C ALA A 283 31.84 -8.44 -0.06
N HIS A 284 32.71 -9.47 0.05
CA HIS A 284 32.95 -10.40 -1.06
C HIS A 284 31.71 -11.25 -1.32
N GLN A 285 31.18 -11.90 -0.28
CA GLN A 285 29.96 -12.70 -0.45
C GLN A 285 28.78 -11.79 -0.87
N GLY A 286 28.75 -10.57 -0.38
CA GLY A 286 27.71 -9.60 -0.68
C GLY A 286 27.69 -9.15 -2.12
N VAL A 287 28.84 -9.15 -2.78
CA VAL A 287 28.90 -8.78 -4.20
C VAL A 287 28.72 -10.03 -5.05
N PHE A 288 29.44 -11.11 -4.73
CA PHE A 288 29.53 -12.28 -5.58
C PHE A 288 28.51 -13.37 -5.40
N PHE A 289 27.73 -13.37 -4.30
CA PHE A 289 26.71 -14.40 -4.11
C PHE A 289 25.71 -14.47 -5.30
N ASN A 290 25.39 -15.68 -5.74
CA ASN A 290 24.47 -15.98 -6.83
C ASN A 290 24.90 -15.31 -8.13
N GLN A 291 26.22 -15.35 -8.42
CA GLN A 291 26.83 -14.76 -9.60
C GLN A 291 26.58 -13.24 -9.66
N GLY A 292 26.47 -12.59 -8.51
CA GLY A 292 26.15 -11.16 -8.44
C GLY A 292 24.70 -10.82 -8.78
N GLN A 293 23.87 -11.85 -9.05
CA GLN A 293 22.48 -11.67 -9.47
C GLN A 293 21.55 -11.68 -8.26
N CYS A 294 21.75 -10.71 -7.37
N CYS A 294 21.76 -10.70 -7.38
CA CYS A 294 20.93 -10.63 -6.16
CA CYS A 294 20.99 -10.55 -6.15
C CYS A 294 20.50 -9.20 -5.96
C CYS A 294 20.48 -9.14 -6.05
N CYS A 295 19.25 -8.99 -5.57
CA CYS A 295 18.70 -7.66 -5.30
C CYS A 295 19.46 -7.01 -4.11
N THR A 296 20.01 -7.84 -3.20
CA THR A 296 20.80 -7.41 -2.05
C THR A 296 22.29 -7.16 -2.38
N ALA A 297 22.74 -7.40 -3.63
CA ALA A 297 24.15 -7.22 -4.00
C ALA A 297 24.65 -5.84 -3.68
N ALA A 298 25.88 -5.74 -3.12
CA ALA A 298 26.45 -4.41 -2.85
C ALA A 298 26.88 -3.84 -4.20
N SER A 299 26.35 -2.68 -4.53
CA SER A 299 26.70 -2.01 -5.77
C SER A 299 27.86 -0.99 -5.59
N ARG A 300 28.12 -0.56 -4.34
N ARG A 300 28.10 -0.55 -4.34
CA ARG A 300 29.19 0.36 -4.02
CA ARG A 300 29.12 0.41 -3.99
C ARG A 300 29.77 -0.05 -2.68
C ARG A 300 29.77 -0.02 -2.67
N VAL A 301 31.04 -0.47 -2.68
CA VAL A 301 31.71 -0.84 -1.44
C VAL A 301 32.52 0.38 -1.02
N PHE A 302 32.00 1.19 -0.08
CA PHE A 302 32.67 2.38 0.41
C PHE A 302 33.64 1.97 1.52
N VAL A 303 34.94 2.20 1.33
CA VAL A 303 35.98 1.86 2.32
C VAL A 303 36.72 3.09 2.83
N GLU A 304 36.83 3.25 4.16
CA GLU A 304 37.49 4.40 4.76
C GLU A 304 38.97 4.45 4.32
N GLU A 305 39.45 5.65 4.00
CA GLU A 305 40.81 5.86 3.46
C GLU A 305 41.92 5.15 4.25
N GLN A 306 41.84 5.13 5.59
CA GLN A 306 42.83 4.50 6.47
C GLN A 306 43.02 3.01 6.23
N VAL A 307 42.00 2.31 5.74
CA VAL A 307 42.11 0.87 5.48
C VAL A 307 41.86 0.48 4.02
N TYR A 308 41.66 1.47 3.15
CA TYR A 308 41.38 1.29 1.74
C TYR A 308 42.34 0.34 1.02
N SER A 309 43.66 0.64 1.05
CA SER A 309 44.65 -0.17 0.34
C SER A 309 44.64 -1.62 0.79
N GLU A 310 44.62 -1.86 2.11
CA GLU A 310 44.60 -3.24 2.61
C GLU A 310 43.29 -3.95 2.24
N PHE A 311 42.16 -3.22 2.32
CA PHE A 311 40.86 -3.80 1.93
C PHE A 311 40.90 -4.29 0.47
N VAL A 312 41.36 -3.41 -0.46
CA VAL A 312 41.51 -3.74 -1.89
C VAL A 312 42.35 -5.00 -2.08
N ARG A 313 43.54 -5.03 -1.43
CA ARG A 313 44.46 -6.16 -1.51
C ARG A 313 43.84 -7.48 -1.09
N ARG A 314 43.19 -7.53 0.09
CA ARG A 314 42.58 -8.78 0.55
C ARG A 314 41.38 -9.17 -0.32
N SER A 315 40.63 -8.18 -0.83
CA SER A 315 39.47 -8.46 -1.68
C SER A 315 39.88 -9.15 -2.98
N VAL A 316 41.02 -8.71 -3.57
CA VAL A 316 41.54 -9.29 -4.82
C VAL A 316 41.90 -10.77 -4.62
N GLU A 317 42.53 -11.10 -3.49
CA GLU A 317 42.86 -12.49 -3.16
C GLU A 317 41.61 -13.36 -3.14
N TYR A 318 40.51 -12.87 -2.51
CA TYR A 318 39.24 -13.57 -2.46
C TYR A 318 38.65 -13.78 -3.86
N ALA A 319 38.63 -12.73 -4.67
CA ALA A 319 38.09 -12.81 -6.03
C ALA A 319 38.87 -13.79 -6.90
N LYS A 320 40.22 -13.77 -6.80
CA LYS A 320 41.09 -14.66 -7.58
C LYS A 320 40.96 -16.12 -7.15
N LYS A 321 40.63 -16.38 -5.87
CA LYS A 321 40.48 -17.74 -5.38
C LYS A 321 39.05 -18.30 -5.48
N ARG A 322 38.06 -17.48 -5.88
CA ARG A 322 36.66 -17.92 -5.99
C ARG A 322 36.50 -18.96 -7.10
N PRO A 323 36.12 -20.20 -6.75
CA PRO A 323 35.98 -21.25 -7.78
C PRO A 323 34.76 -21.10 -8.67
N VAL A 324 34.98 -20.95 -9.99
CA VAL A 324 33.95 -20.77 -11.00
C VAL A 324 33.90 -21.99 -11.94
N GLY A 325 32.73 -22.61 -12.08
CA GLY A 325 32.58 -23.79 -12.95
C GLY A 325 31.22 -24.46 -12.91
N ASP A 326 31.18 -25.77 -13.20
CA ASP A 326 29.97 -26.59 -13.18
C ASP A 326 29.25 -26.48 -11.82
N PRO A 327 28.02 -25.94 -11.82
CA PRO A 327 27.28 -25.77 -10.55
C PRO A 327 26.99 -27.06 -9.79
N PHE A 328 26.96 -28.22 -10.48
CA PHE A 328 26.73 -29.49 -9.81
C PHE A 328 28.00 -30.03 -9.07
N ASP A 329 29.17 -29.38 -9.24
CA ASP A 329 30.40 -29.78 -8.55
C ASP A 329 30.45 -29.14 -7.16
N VAL A 330 30.74 -29.95 -6.12
CA VAL A 330 30.82 -29.53 -4.73
C VAL A 330 31.64 -28.25 -4.48
N LYS A 331 32.76 -28.10 -5.22
CA LYS A 331 33.68 -26.96 -5.05
C LYS A 331 33.17 -25.64 -5.65
N THR A 332 32.27 -25.73 -6.63
CA THR A 332 31.76 -24.53 -7.30
C THR A 332 31.05 -23.52 -6.38
N GLU A 333 31.54 -22.28 -6.39
CA GLU A 333 30.96 -21.16 -5.65
C GLU A 333 30.26 -20.16 -6.62
N GLN A 334 30.59 -20.21 -7.91
CA GLN A 334 30.02 -19.30 -8.89
C GLN A 334 29.76 -20.06 -10.18
N GLY A 335 28.51 -20.10 -10.60
CA GLY A 335 28.12 -20.75 -11.85
C GLY A 335 28.11 -19.76 -13.00
N PRO A 336 27.39 -20.09 -14.09
CA PRO A 336 27.31 -19.13 -15.22
C PRO A 336 26.30 -18.01 -14.96
N GLN A 337 26.32 -16.97 -15.78
CA GLN A 337 25.30 -15.93 -15.75
C GLN A 337 24.00 -16.53 -16.36
N ILE A 338 22.83 -15.92 -16.10
CA ILE A 338 21.55 -16.50 -16.51
C ILE A 338 21.39 -16.70 -18.03
N ASP A 339 21.82 -15.72 -18.82
CA ASP A 339 21.68 -15.79 -20.27
C ASP A 339 22.69 -14.86 -20.99
N GLN A 340 22.68 -14.89 -22.34
CA GLN A 340 23.59 -14.08 -23.15
C GLN A 340 23.33 -12.60 -22.95
N LYS A 341 22.06 -12.18 -22.87
CA LYS A 341 21.72 -10.77 -22.65
C LYS A 341 22.34 -10.22 -21.36
N GLN A 342 22.28 -11.00 -20.27
CA GLN A 342 22.85 -10.60 -18.98
C GLN A 342 24.37 -10.58 -19.06
N PHE A 343 24.97 -11.65 -19.61
CA PHE A 343 26.41 -11.82 -19.82
C PHE A 343 27.02 -10.64 -20.59
N ASP A 344 26.40 -10.22 -21.70
CA ASP A 344 26.90 -9.11 -22.52
C ASP A 344 26.76 -7.78 -21.80
N LYS A 345 25.67 -7.61 -21.04
CA LYS A 345 25.42 -6.40 -20.26
C LYS A 345 26.54 -6.18 -19.24
N ILE A 346 26.93 -7.26 -18.53
CA ILE A 346 28.00 -7.23 -17.51
C ILE A 346 29.35 -6.88 -18.15
N LEU A 347 29.69 -7.52 -19.30
CA LEU A 347 30.94 -7.24 -20.00
C LEU A 347 31.01 -5.80 -20.49
N GLU A 348 29.88 -5.25 -20.95
CA GLU A 348 29.79 -3.85 -21.39
C GLU A 348 30.09 -2.91 -20.23
N LEU A 349 29.60 -3.24 -19.03
CA LEU A 349 29.86 -2.43 -17.86
C LEU A 349 31.32 -2.56 -17.41
N ILE A 350 31.90 -3.76 -17.50
CA ILE A 350 33.31 -3.98 -17.17
C ILE A 350 34.20 -3.12 -18.08
N GLU A 351 33.90 -3.14 -19.40
CA GLU A 351 34.63 -2.35 -20.40
C GLU A 351 34.50 -0.85 -20.09
N SER A 352 33.31 -0.42 -19.70
CA SER A 352 33.01 0.97 -19.32
C SER A 352 33.81 1.43 -18.10
N GLY A 353 34.07 0.52 -17.18
CA GLY A 353 34.84 0.83 -15.99
C GLY A 353 36.28 1.14 -16.34
N LYS A 354 36.85 0.37 -17.29
CA LYS A 354 38.21 0.57 -17.77
C LYS A 354 38.34 1.92 -18.47
N LYS A 355 37.35 2.26 -19.32
CA LYS A 355 37.31 3.51 -20.08
C LYS A 355 37.10 4.76 -19.23
N GLU A 356 36.43 4.64 -18.06
CA GLU A 356 36.16 5.79 -17.22
C GLU A 356 37.26 6.10 -16.18
N GLY A 357 38.27 5.24 -16.06
CA GLY A 357 39.38 5.51 -15.15
C GLY A 357 39.56 4.64 -13.91
N ALA A 358 38.73 3.60 -13.72
CA ALA A 358 38.88 2.72 -12.55
C ALA A 358 40.04 1.76 -12.76
N LYS A 359 40.70 1.37 -11.66
CA LYS A 359 41.81 0.44 -11.74
C LYS A 359 41.34 -1.00 -11.67
N LEU A 360 41.51 -1.75 -12.77
CA LEU A 360 41.13 -3.16 -12.84
C LEU A 360 42.12 -3.95 -12.02
N GLU A 361 41.68 -4.43 -10.86
CA GLU A 361 42.54 -5.16 -9.94
C GLU A 361 42.65 -6.64 -10.26
N CYS A 362 41.61 -7.23 -10.86
CA CYS A 362 41.56 -8.64 -11.25
C CYS A 362 40.33 -8.95 -12.11
N GLY A 363 40.33 -10.10 -12.78
CA GLY A 363 39.24 -10.49 -13.68
C GLY A 363 39.14 -9.53 -14.86
N GLY A 364 37.93 -9.10 -15.18
CA GLY A 364 37.72 -8.13 -16.25
C GLY A 364 37.33 -8.70 -17.61
N SER A 365 37.09 -10.02 -17.68
CA SER A 365 36.71 -10.65 -18.94
C SER A 365 36.01 -12.02 -18.69
N ALA A 366 35.53 -12.69 -19.75
CA ALA A 366 34.90 -14.00 -19.59
C ALA A 366 35.94 -15.07 -19.23
N MET A 367 35.49 -16.19 -18.63
CA MET A 367 36.37 -17.29 -18.24
C MET A 367 36.87 -18.04 -19.46
N GLU A 368 35.99 -18.25 -20.44
CA GLU A 368 36.32 -18.98 -21.66
C GLU A 368 35.69 -18.29 -22.90
N ASP A 369 35.66 -18.96 -24.07
CA ASP A 369 35.10 -18.37 -25.28
C ASP A 369 33.73 -18.92 -25.69
N LYS A 370 33.24 -19.99 -25.04
CA LYS A 370 31.96 -20.59 -25.42
C LYS A 370 30.89 -20.66 -24.31
N GLY A 371 31.26 -20.26 -23.09
CA GLY A 371 30.32 -20.31 -21.97
C GLY A 371 29.79 -18.97 -21.51
N LEU A 372 28.95 -18.99 -20.45
CA LEU A 372 28.38 -17.77 -19.88
C LEU A 372 29.05 -17.42 -18.54
N PHE A 373 30.27 -17.91 -18.29
CA PHE A 373 31.00 -17.66 -17.06
C PHE A 373 31.82 -16.40 -17.17
N ILE A 374 31.85 -15.60 -16.09
CA ILE A 374 32.63 -14.36 -16.07
C ILE A 374 33.61 -14.41 -14.90
N LYS A 375 34.88 -14.05 -15.16
CA LYS A 375 35.89 -14.07 -14.12
C LYS A 375 35.57 -13.03 -13.06
N PRO A 376 35.52 -13.44 -11.76
CA PRO A 376 35.29 -12.47 -10.67
C PRO A 376 36.14 -11.21 -10.81
N THR A 377 35.50 -10.05 -10.91
CA THR A 377 36.17 -8.79 -11.21
C THR A 377 36.16 -7.80 -10.06
N VAL A 378 37.30 -7.15 -9.77
CA VAL A 378 37.41 -6.14 -8.73
C VAL A 378 37.94 -4.85 -9.32
N PHE A 379 37.32 -3.73 -8.99
CA PHE A 379 37.76 -2.43 -9.46
C PHE A 379 38.04 -1.54 -8.28
N SER A 380 39.19 -0.87 -8.28
CA SER A 380 39.53 0.12 -7.25
C SER A 380 39.50 1.53 -7.90
N GLU A 381 39.73 2.59 -7.12
CA GLU A 381 39.68 3.98 -7.57
C GLU A 381 38.35 4.32 -8.23
N VAL A 382 37.25 3.69 -7.79
CA VAL A 382 35.94 3.97 -8.36
C VAL A 382 35.38 5.25 -7.75
N THR A 383 34.74 6.09 -8.58
CA THR A 383 34.11 7.34 -8.15
C THR A 383 32.58 7.28 -8.38
N ASP A 384 31.81 8.14 -7.71
CA ASP A 384 30.34 8.15 -7.78
C ASP A 384 29.76 8.37 -9.18
N ASN A 385 30.48 9.09 -10.04
CA ASN A 385 30.00 9.39 -11.38
C ASN A 385 30.08 8.23 -12.37
N MET A 386 30.94 7.25 -12.09
CA MET A 386 31.15 6.13 -13.00
C MET A 386 29.93 5.23 -13.23
N ARG A 387 29.86 4.58 -14.40
CA ARG A 387 28.76 3.67 -14.72
C ARG A 387 28.79 2.45 -13.80
N ILE A 388 29.98 1.91 -13.49
CA ILE A 388 30.07 0.75 -12.59
C ILE A 388 29.64 1.05 -11.14
N ALA A 389 29.57 2.34 -10.78
CA ALA A 389 29.10 2.76 -9.46
C ALA A 389 27.62 3.19 -9.51
N LYS A 390 27.16 3.75 -10.63
CA LYS A 390 25.79 4.23 -10.80
C LYS A 390 24.77 3.18 -11.21
N GLU A 391 25.20 2.18 -11.98
CA GLU A 391 24.27 1.20 -12.53
C GLU A 391 24.28 -0.15 -11.84
N GLU A 392 23.12 -0.83 -11.82
CA GLU A 392 23.02 -2.16 -11.22
C GLU A 392 23.66 -3.14 -12.20
N ILE A 393 24.83 -3.69 -11.83
CA ILE A 393 25.59 -4.58 -12.69
C ILE A 393 24.95 -5.95 -12.77
N PHE A 394 24.41 -6.45 -11.64
CA PHE A 394 23.81 -7.78 -11.57
C PHE A 394 24.77 -8.87 -12.04
N GLY A 395 26.05 -8.69 -11.70
CA GLY A 395 27.12 -9.61 -12.06
C GLY A 395 28.27 -9.59 -11.08
N PRO A 396 29.25 -10.48 -11.31
CA PRO A 396 30.41 -10.58 -10.39
C PRO A 396 31.46 -9.48 -10.55
N VAL A 397 31.09 -8.24 -10.21
CA VAL A 397 31.95 -7.06 -10.30
C VAL A 397 31.86 -6.30 -8.97
N GLN A 398 32.99 -6.11 -8.29
CA GLN A 398 33.07 -5.39 -7.03
C GLN A 398 33.71 -4.02 -7.17
N PRO A 399 32.89 -2.95 -7.17
CA PRO A 399 33.46 -1.61 -7.26
C PRO A 399 33.77 -1.08 -5.87
N ILE A 400 35.05 -0.78 -5.61
CA ILE A 400 35.53 -0.29 -4.32
C ILE A 400 35.82 1.19 -4.38
N LEU A 401 35.08 1.96 -3.61
CA LEU A 401 35.15 3.42 -3.53
C LEU A 401 35.76 3.84 -2.20
N LYS A 402 36.35 5.03 -2.15
CA LYS A 402 37.02 5.51 -0.95
C LYS A 402 36.24 6.63 -0.29
N PHE A 403 36.24 6.69 1.05
CA PHE A 403 35.60 7.80 1.75
C PHE A 403 36.45 8.31 2.90
N LYS A 404 36.18 9.53 3.37
CA LYS A 404 36.92 10.09 4.49
C LYS A 404 36.12 10.26 5.77
N SER A 405 34.89 10.82 5.70
CA SER A 405 34.12 11.03 6.93
C SER A 405 32.74 10.33 6.90
N ILE A 406 32.17 10.07 8.09
CA ILE A 406 30.88 9.44 8.24
C ILE A 406 29.79 10.25 7.57
N GLU A 407 29.79 11.57 7.81
CA GLU A 407 28.82 12.48 7.23
C GLU A 407 28.89 12.47 5.70
N GLU A 408 30.10 12.36 5.14
CA GLU A 408 30.28 12.31 3.70
C GLU A 408 29.71 10.99 3.16
N VAL A 409 30.06 9.85 3.79
CA VAL A 409 29.59 8.57 3.30
C VAL A 409 28.06 8.37 3.50
N ILE A 410 27.43 9.06 4.47
CA ILE A 410 25.98 8.97 4.65
C ILE A 410 25.32 9.67 3.45
N LYS A 411 25.79 10.88 3.11
CA LYS A 411 25.28 11.65 1.97
C LYS A 411 25.43 10.86 0.66
N ARG A 412 26.59 10.26 0.43
CA ARG A 412 26.85 9.51 -0.80
C ARG A 412 26.01 8.24 -0.86
N ALA A 413 25.94 7.52 0.27
CA ALA A 413 25.16 6.28 0.33
C ALA A 413 23.67 6.55 0.08
N ASN A 414 23.13 7.69 0.58
CA ASN A 414 21.71 8.02 0.42
C ASN A 414 21.37 8.82 -0.85
N SER A 415 22.37 9.14 -1.68
CA SER A 415 22.16 9.99 -2.88
C SER A 415 21.37 9.32 -4.03
N THR A 416 21.03 8.07 -3.85
CA THR A 416 20.32 7.23 -4.82
C THR A 416 18.79 7.37 -4.71
N ASP A 417 18.08 6.93 -5.75
CA ASP A 417 16.60 6.86 -5.72
C ASP A 417 16.14 5.52 -5.08
N TYR A 418 17.08 4.63 -4.69
CA TYR A 418 16.83 3.30 -4.19
C TYR A 418 17.08 3.22 -2.69
N GLY A 419 16.78 2.09 -2.07
CA GLY A 419 16.99 1.92 -0.64
C GLY A 419 16.58 0.55 -0.14
N LEU A 420 17.10 -0.52 -0.78
CA LEU A 420 16.71 -1.86 -0.39
C LEU A 420 17.50 -2.32 0.85
N THR A 421 18.83 -2.41 0.73
CA THR A 421 19.69 -2.84 1.86
C THR A 421 20.90 -1.91 1.97
N ALA A 422 21.57 -1.99 3.13
CA ALA A 422 22.82 -1.31 3.42
C ALA A 422 23.58 -2.18 4.42
N ALA A 423 24.92 -2.14 4.40
CA ALA A 423 25.70 -2.89 5.38
C ALA A 423 26.80 -2.00 5.92
N VAL A 424 27.08 -2.11 7.22
CA VAL A 424 28.01 -1.29 7.95
C VAL A 424 28.97 -2.19 8.74
N PHE A 425 30.27 -1.89 8.67
CA PHE A 425 31.27 -2.66 9.40
C PHE A 425 32.06 -1.72 10.27
N THR A 426 31.92 -1.87 11.60
CA THR A 426 32.56 -1.04 12.59
C THR A 426 32.46 -1.75 13.93
N LYS A 427 33.45 -1.52 14.75
CA LYS A 427 33.45 -2.05 16.12
C LYS A 427 32.87 -1.02 17.10
N ASN A 428 32.67 0.23 16.66
CA ASN A 428 32.20 1.32 17.50
C ASN A 428 30.65 1.34 17.58
N LEU A 429 30.12 1.27 18.81
CA LEU A 429 28.70 1.26 19.14
C LEU A 429 27.96 2.50 18.58
N ASP A 430 28.47 3.70 18.89
CA ASP A 430 27.84 4.93 18.42
C ASP A 430 27.82 5.07 16.91
N LYS A 431 28.92 4.69 16.26
CA LYS A 431 29.02 4.78 14.81
C LYS A 431 28.03 3.81 14.17
N ALA A 432 27.94 2.56 14.68
CA ALA A 432 27.05 1.54 14.14
C ALA A 432 25.59 1.97 14.23
N LEU A 433 25.19 2.53 15.38
CA LEU A 433 23.80 2.96 15.57
C LEU A 433 23.47 4.26 14.84
N LYS A 434 24.46 5.16 14.71
CA LYS A 434 24.22 6.40 13.98
C LYS A 434 24.02 6.11 12.50
N LEU A 435 24.81 5.18 11.95
CA LEU A 435 24.67 4.77 10.56
C LEU A 435 23.38 3.97 10.36
N ALA A 436 23.02 3.09 11.31
CA ALA A 436 21.76 2.33 11.22
C ALA A 436 20.56 3.27 11.12
N SER A 437 20.60 4.39 11.84
CA SER A 437 19.52 5.35 11.85
C SER A 437 19.48 6.26 10.60
N ALA A 438 20.67 6.71 10.15
CA ALA A 438 20.80 7.65 9.04
C ALA A 438 20.70 7.05 7.64
N LEU A 439 21.01 5.77 7.46
CA LEU A 439 20.94 5.16 6.13
C LEU A 439 19.48 4.89 5.72
N GLU A 440 19.07 5.40 4.56
CA GLU A 440 17.70 5.23 4.03
C GLU A 440 17.59 3.92 3.27
N SER A 441 17.54 2.82 4.03
CA SER A 441 17.49 1.47 3.50
C SER A 441 16.53 0.65 4.36
N GLY A 442 15.79 -0.27 3.72
CA GLY A 442 14.81 -1.11 4.38
C GLY A 442 15.43 -2.07 5.37
N THR A 443 16.65 -2.56 5.05
CA THR A 443 17.41 -3.45 5.96
C THR A 443 18.82 -2.87 6.09
N VAL A 444 19.29 -2.73 7.33
CA VAL A 444 20.65 -2.30 7.57
C VAL A 444 21.35 -3.42 8.34
N TRP A 445 22.33 -4.06 7.69
CA TRP A 445 23.12 -5.11 8.34
C TRP A 445 24.34 -4.48 9.03
N ILE A 446 24.68 -4.92 10.23
CA ILE A 446 25.85 -4.43 10.95
C ILE A 446 26.74 -5.62 11.25
N ASN A 447 27.98 -5.63 10.68
CA ASN A 447 28.98 -6.71 10.83
C ASN A 447 28.51 -8.06 10.29
N CYS A 448 27.67 -8.01 9.28
CA CYS A 448 27.17 -9.17 8.56
C CYS A 448 26.64 -8.74 7.19
N TYR A 449 26.24 -9.70 6.37
CA TYR A 449 25.69 -9.40 5.05
C TYR A 449 24.76 -10.53 4.63
N ASN A 450 23.62 -10.22 3.98
CA ASN A 450 22.69 -11.26 3.54
C ASN A 450 22.14 -12.10 4.70
N ALA A 451 22.03 -11.49 5.89
CA ALA A 451 21.51 -12.16 7.08
C ALA A 451 19.96 -11.98 7.07
N LEU A 452 19.27 -12.93 6.48
CA LEU A 452 17.81 -12.91 6.38
C LEU A 452 17.18 -13.92 7.29
N TYR A 453 16.03 -13.56 7.82
CA TYR A 453 15.24 -14.43 8.70
C TYR A 453 13.79 -14.37 8.28
N ALA A 454 13.07 -15.50 8.37
CA ALA A 454 11.64 -15.51 8.04
C ALA A 454 10.85 -14.55 8.92
N GLN A 455 11.35 -14.29 10.16
CA GLN A 455 10.70 -13.44 11.15
C GLN A 455 11.08 -11.97 11.06
N ALA A 456 12.04 -11.60 10.18
CA ALA A 456 12.53 -10.22 10.03
C ALA A 456 12.05 -9.68 8.68
N PRO A 457 11.28 -8.59 8.69
CA PRO A 457 10.78 -8.05 7.40
C PRO A 457 11.90 -7.55 6.50
N PHE A 458 11.60 -7.57 5.21
CA PHE A 458 12.50 -7.24 4.15
C PHE A 458 11.75 -6.47 3.07
N GLY A 459 12.31 -5.34 2.66
CA GLY A 459 11.72 -4.52 1.62
C GLY A 459 12.44 -3.21 1.44
N GLY A 460 12.00 -2.42 0.47
CA GLY A 460 12.70 -1.17 0.18
C GLY A 460 12.06 0.13 0.59
N PHE A 461 12.93 1.13 0.72
CA PHE A 461 12.57 2.53 0.86
C PHE A 461 12.58 3.06 -0.60
N LYS A 462 11.99 4.22 -0.83
CA LYS A 462 12.04 4.93 -2.12
C LYS A 462 11.65 4.01 -3.31
N MET A 463 12.43 3.98 -4.41
CA MET A 463 12.09 3.17 -5.58
C MET A 463 12.51 1.71 -5.49
N SER A 464 12.95 1.24 -4.31
CA SER A 464 13.26 -0.17 -4.12
C SER A 464 12.00 -1.02 -3.77
N GLY A 465 10.88 -0.37 -3.51
CA GLY A 465 9.64 -1.09 -3.23
C GLY A 465 8.61 -0.38 -2.41
N ASN A 466 7.49 -1.08 -2.21
CA ASN A 466 6.32 -0.65 -1.44
C ASN A 466 5.92 -1.92 -0.64
N GLY A 467 5.76 -1.79 0.67
CA GLY A 467 5.35 -2.93 1.49
C GLY A 467 6.51 -3.80 1.95
N ARG A 468 6.21 -4.80 2.77
CA ARG A 468 7.24 -5.71 3.27
C ARG A 468 6.91 -7.16 3.06
N GLU A 469 7.95 -7.95 2.91
CA GLU A 469 7.82 -9.40 2.86
C GLU A 469 8.52 -9.94 4.12
N LEU A 470 8.09 -11.10 4.64
CA LEU A 470 8.63 -11.73 5.85
C LEU A 470 8.17 -11.01 7.13
N GLY A 471 8.29 -11.71 8.25
CA GLY A 471 7.88 -11.23 9.55
C GLY A 471 6.39 -11.04 9.72
N GLU A 472 6.00 -10.53 10.89
CA GLU A 472 4.59 -10.24 11.16
C GLU A 472 4.04 -9.20 10.16
N TYR A 473 4.93 -8.29 9.68
CA TYR A 473 4.62 -7.23 8.74
C TYR A 473 4.03 -7.75 7.44
N ALA A 474 4.43 -8.97 7.02
CA ALA A 474 3.89 -9.54 5.77
C ALA A 474 2.35 -9.74 5.83
N LEU A 475 1.79 -10.07 7.04
CA LEU A 475 0.36 -10.30 7.24
C LEU A 475 -0.49 -9.10 6.83
N ALA A 476 0.00 -7.88 7.10
CA ALA A 476 -0.76 -6.68 6.72
C ALA A 476 -0.97 -6.57 5.20
N GLU A 477 -0.05 -7.11 4.41
CA GLU A 477 -0.15 -7.08 2.95
C GLU A 477 -1.18 -8.07 2.44
N TYR A 478 -1.56 -9.09 3.25
CA TYR A 478 -2.46 -10.16 2.81
C TYR A 478 -3.81 -10.20 3.53
N THR A 479 -4.12 -9.13 4.27
CA THR A 479 -5.37 -9.02 4.98
C THR A 479 -5.93 -7.63 4.71
N GLU A 480 -7.22 -7.48 4.91
CA GLU A 480 -7.98 -6.26 4.72
C GLU A 480 -8.66 -5.99 6.08
N VAL A 481 -8.54 -4.78 6.59
CA VAL A 481 -9.09 -4.44 7.91
C VAL A 481 -10.59 -4.06 7.83
N LYS A 482 -11.41 -4.70 8.66
CA LYS A 482 -12.83 -4.40 8.72
C LYS A 482 -13.16 -3.94 10.13
N THR A 483 -13.75 -2.74 10.26
CA THR A 483 -14.22 -2.27 11.55
C THR A 483 -15.73 -2.66 11.71
N VAL A 484 -16.09 -3.29 12.84
CA VAL A 484 -17.46 -3.62 13.16
C VAL A 484 -17.83 -2.78 14.38
N THR A 485 -18.82 -1.90 14.24
CA THR A 485 -19.19 -1.00 15.33
C THR A 485 -20.68 -1.22 15.68
N ILE A 486 -20.92 -1.71 16.88
CA ILE A 486 -22.24 -2.11 17.35
C ILE A 486 -22.74 -1.16 18.43
N LYS A 487 -23.87 -0.50 18.21
CA LYS A 487 -24.43 0.39 19.21
C LYS A 487 -25.50 -0.36 19.97
N LEU A 488 -25.32 -0.50 21.27
CA LEU A 488 -26.28 -1.19 22.13
C LEU A 488 -27.44 -0.23 22.41
N GLY A 489 -28.68 -0.71 22.28
CA GLY A 489 -29.88 0.09 22.48
C GLY A 489 -30.15 0.53 23.91
N LEU B 1 -26.32 26.90 22.41
CA LEU B 1 -25.92 26.85 21.01
C LEU B 1 -25.02 28.03 20.64
N PRO B 2 -23.99 27.81 19.80
CA PRO B 2 -23.10 28.91 19.43
C PRO B 2 -23.78 29.89 18.48
N ARG B 3 -23.51 31.20 18.65
CA ARG B 3 -24.11 32.21 17.80
C ARG B 3 -23.48 32.17 16.42
N PRO B 4 -24.30 32.11 15.36
CA PRO B 4 -23.75 32.06 13.99
C PRO B 4 -23.02 33.33 13.59
N ILE B 5 -22.03 33.21 12.71
CA ILE B 5 -21.30 34.38 12.22
C ILE B 5 -21.67 34.54 10.73
N ARG B 6 -22.77 35.24 10.47
CA ARG B 6 -23.32 35.42 9.11
C ARG B 6 -22.50 36.34 8.20
N ASN B 7 -21.71 37.28 8.75
CA ASN B 7 -20.92 38.20 7.91
C ASN B 7 -19.44 38.22 8.30
N LEU B 8 -18.79 37.04 8.27
CA LEU B 8 -17.40 36.87 8.63
C LEU B 8 -16.46 37.25 7.48
N GLU B 9 -15.38 37.99 7.77
CA GLU B 9 -14.40 38.35 6.75
C GLU B 9 -13.30 37.31 6.75
N VAL B 10 -12.96 36.80 5.55
CA VAL B 10 -11.90 35.80 5.43
C VAL B 10 -10.55 36.53 5.41
N LYS B 11 -9.69 36.18 6.37
CA LYS B 11 -8.39 36.80 6.55
C LYS B 11 -7.25 36.08 5.79
N PHE B 12 -7.29 34.74 5.69
CA PHE B 12 -6.19 34.00 5.08
C PHE B 12 -6.54 33.49 3.67
N THR B 13 -5.85 34.02 2.66
CA THR B 13 -6.14 33.71 1.27
C THR B 13 -4.89 33.39 0.45
N LYS B 14 -3.71 33.29 1.07
CA LYS B 14 -2.47 33.09 0.35
C LYS B 14 -1.87 31.67 0.51
N ILE B 15 -0.81 31.38 -0.26
CA ILE B 15 -0.07 30.13 -0.20
C ILE B 15 0.77 30.12 1.10
N PHE B 16 0.75 28.99 1.82
CA PHE B 16 1.44 28.90 3.10
C PHE B 16 2.67 28.02 2.96
N ILE B 17 3.88 28.60 3.03
CA ILE B 17 5.15 27.88 2.87
C ILE B 17 6.15 28.44 3.90
N ASN B 18 6.80 27.55 4.71
CA ASN B 18 7.77 27.97 5.73
C ASN B 18 7.18 28.95 6.72
N ASN B 19 5.91 28.75 7.09
CA ASN B 19 5.15 29.56 8.04
C ASN B 19 4.96 31.02 7.62
N GLU B 20 5.07 31.30 6.32
CA GLU B 20 4.86 32.63 5.77
C GLU B 20 3.83 32.56 4.65
N TRP B 21 3.18 33.69 4.40
CA TRP B 21 2.15 33.79 3.39
C TRP B 21 2.75 34.35 2.11
N HIS B 22 2.44 33.72 0.98
CA HIS B 22 3.02 34.12 -0.30
C HIS B 22 1.97 34.26 -1.34
N GLU B 23 2.21 35.18 -2.27
CA GLU B 23 1.37 35.31 -3.43
C GLU B 23 1.83 34.19 -4.38
N SER B 24 0.95 33.77 -5.31
CA SER B 24 1.32 32.76 -6.30
C SER B 24 2.45 33.27 -7.19
N LYS B 25 3.32 32.37 -7.67
CA LYS B 25 4.43 32.73 -8.55
C LYS B 25 3.92 33.39 -9.85
N SER B 26 2.79 32.95 -10.36
CA SER B 26 2.22 33.51 -11.59
C SER B 26 1.44 34.82 -11.37
N GLY B 27 1.08 35.09 -10.11
CA GLY B 27 0.22 36.22 -9.76
C GLY B 27 -1.27 35.89 -9.88
N LYS B 28 -1.61 34.72 -10.47
CA LYS B 28 -2.98 34.30 -10.68
C LYS B 28 -3.73 34.05 -9.39
N LYS B 29 -5.04 34.27 -9.43
CA LYS B 29 -5.95 34.06 -8.31
C LYS B 29 -7.23 33.37 -8.80
N PHE B 30 -7.97 32.74 -7.89
CA PHE B 30 -9.24 32.13 -8.23
C PHE B 30 -10.26 32.47 -7.16
N ALA B 31 -11.55 32.40 -7.50
CA ALA B 31 -12.60 32.74 -6.54
C ALA B 31 -13.27 31.54 -5.91
N THR B 32 -13.80 31.74 -4.69
CA THR B 32 -14.62 30.74 -4.03
C THR B 32 -15.98 31.37 -3.80
N CYS B 33 -17.03 30.69 -4.22
CA CYS B 33 -18.39 31.21 -4.08
C CYS B 33 -19.19 30.43 -3.06
N ASN B 34 -20.07 31.15 -2.37
CA ASN B 34 -20.95 30.61 -1.34
C ASN B 34 -22.07 29.89 -2.07
N PRO B 35 -22.25 28.57 -1.90
CA PRO B 35 -23.33 27.87 -2.63
C PRO B 35 -24.75 28.16 -2.16
N SER B 36 -24.90 28.84 -1.03
CA SER B 36 -26.22 29.18 -0.50
C SER B 36 -26.78 30.43 -1.22
N THR B 37 -25.95 31.48 -1.31
CA THR B 37 -26.33 32.75 -1.94
C THR B 37 -25.97 32.80 -3.44
N ARG B 38 -24.98 32.01 -3.84
CA ARG B 38 -24.37 31.93 -5.19
C ARG B 38 -23.41 33.12 -5.46
N GLU B 39 -23.15 33.99 -4.44
CA GLU B 39 -22.27 35.16 -4.52
C GLU B 39 -20.80 34.79 -4.25
N GLN B 40 -19.85 35.61 -4.73
CA GLN B 40 -18.43 35.39 -4.48
C GLN B 40 -18.03 35.75 -3.05
N ILE B 41 -17.26 34.88 -2.39
CA ILE B 41 -16.78 35.12 -1.04
C ILE B 41 -15.53 35.98 -1.05
N CYS B 42 -14.49 35.55 -1.81
CA CYS B 42 -13.20 36.25 -1.90
C CYS B 42 -12.32 35.60 -3.00
N GLU B 43 -11.13 36.16 -3.21
CA GLU B 43 -10.16 35.59 -4.13
C GLU B 43 -9.04 34.96 -3.33
N VAL B 44 -8.54 33.83 -3.79
CA VAL B 44 -7.48 33.09 -3.16
C VAL B 44 -6.33 32.96 -4.14
N GLU B 45 -5.07 32.97 -3.66
CA GLU B 45 -3.91 32.77 -4.51
C GLU B 45 -3.99 31.42 -5.21
N GLU B 46 -3.74 31.39 -6.53
CA GLU B 46 -3.84 30.16 -7.29
C GLU B 46 -2.47 29.56 -7.54
N GLY B 47 -2.16 28.47 -6.83
CA GLY B 47 -0.88 27.81 -7.00
C GLY B 47 -0.82 27.04 -8.30
N ASP B 48 0.39 26.68 -8.68
CA ASP B 48 0.69 25.83 -9.83
C ASP B 48 2.00 25.05 -9.52
N LYS B 49 2.56 24.32 -10.48
CA LYS B 49 3.78 23.52 -10.33
C LYS B 49 4.97 24.30 -9.64
N PRO B 50 5.28 25.57 -9.99
CA PRO B 50 6.37 26.27 -9.27
C PRO B 50 6.08 26.51 -7.78
N ASP B 51 4.82 26.74 -7.40
CA ASP B 51 4.47 26.94 -5.99
C ASP B 51 4.55 25.59 -5.24
N VAL B 52 4.18 24.48 -5.91
CA VAL B 52 4.31 23.13 -5.34
C VAL B 52 5.78 22.83 -5.15
N ASP B 53 6.64 23.18 -6.11
CA ASP B 53 8.09 22.95 -6.00
C ASP B 53 8.70 23.65 -4.80
N LYS B 54 8.26 24.89 -4.54
CA LYS B 54 8.76 25.67 -3.41
C LYS B 54 8.27 25.01 -2.10
N ALA B 55 6.99 24.60 -2.04
CA ALA B 55 6.39 23.92 -0.88
C ALA B 55 7.13 22.60 -0.61
N VAL B 56 7.41 21.80 -1.66
CA VAL B 56 8.13 20.54 -1.48
C VAL B 56 9.56 20.75 -0.99
N GLU B 57 10.27 21.75 -1.54
CA GLU B 57 11.62 22.06 -1.07
C GLU B 57 11.59 22.51 0.41
N ALA B 58 10.58 23.31 0.81
CA ALA B 58 10.45 23.71 2.22
C ALA B 58 10.21 22.47 3.14
N ALA B 59 9.36 21.54 2.70
CA ALA B 59 9.05 20.32 3.45
C ALA B 59 10.27 19.39 3.56
N GLN B 60 11.06 19.30 2.48
CA GLN B 60 12.28 18.47 2.47
C GLN B 60 13.31 19.02 3.47
N VAL B 61 13.52 20.36 3.49
CA VAL B 61 14.46 21.00 4.40
C VAL B 61 14.00 20.78 5.85
N ALA B 62 12.70 20.94 6.11
CA ALA B 62 12.15 20.73 7.46
C ALA B 62 12.27 19.24 7.90
N PHE B 63 12.38 18.29 6.95
CA PHE B 63 12.50 16.87 7.25
C PHE B 63 13.94 16.35 7.33
N GLN B 64 14.92 17.13 6.84
CA GLN B 64 16.30 16.62 6.85
C GLN B 64 16.83 16.39 8.28
N ARG B 65 17.71 15.40 8.44
CA ARG B 65 18.38 15.04 9.71
C ARG B 65 18.98 16.29 10.35
N GLY B 66 18.77 16.47 11.64
CA GLY B 66 19.33 17.61 12.34
C GLY B 66 18.40 18.80 12.41
N SER B 67 17.32 18.80 11.60
CA SER B 67 16.38 19.89 11.61
C SER B 67 15.68 19.99 12.96
N PRO B 68 15.16 21.17 13.31
CA PRO B 68 14.43 21.30 14.57
C PRO B 68 13.26 20.31 14.72
N TRP B 69 12.56 20.00 13.60
CA TRP B 69 11.46 19.05 13.63
C TRP B 69 11.97 17.64 13.86
N ARG B 70 13.03 17.23 13.16
CA ARG B 70 13.58 15.88 13.34
C ARG B 70 14.24 15.66 14.68
N ARG B 71 14.67 16.74 15.36
CA ARG B 71 15.38 16.59 16.63
C ARG B 71 14.46 16.59 17.84
N LEU B 72 13.18 17.03 17.68
CA LEU B 72 12.20 17.02 18.78
C LEU B 72 12.04 15.62 19.34
N ASP B 73 11.85 15.50 20.66
CA ASP B 73 11.60 14.18 21.23
C ASP B 73 10.15 13.79 20.88
N ALA B 74 9.86 12.49 20.90
CA ALA B 74 8.56 11.98 20.51
C ALA B 74 7.41 12.66 21.27
N LEU B 75 7.56 12.87 22.58
CA LEU B 75 6.51 13.51 23.35
C LEU B 75 6.22 14.97 22.94
N SER B 76 7.24 15.70 22.44
CA SER B 76 7.06 17.11 22.03
C SER B 76 6.25 17.24 20.75
N ARG B 77 6.35 16.24 19.84
CA ARG B 77 5.46 16.23 18.65
C ARG B 77 4.01 16.05 19.11
N GLY B 78 3.79 15.24 20.17
CA GLY B 78 2.48 15.06 20.75
C GLY B 78 1.94 16.34 21.34
N ARG B 79 2.79 17.07 22.10
CA ARG B 79 2.41 18.34 22.72
C ARG B 79 2.01 19.36 21.63
N LEU B 80 2.76 19.43 20.53
CA LEU B 80 2.41 20.36 19.43
C LEU B 80 1.02 20.08 18.87
N LEU B 81 0.68 18.81 18.66
CA LEU B 81 -0.64 18.44 18.16
C LEU B 81 -1.73 18.78 19.16
N HIS B 82 -1.45 18.63 20.48
CA HIS B 82 -2.43 19.01 21.51
C HIS B 82 -2.65 20.52 21.50
N GLN B 83 -1.59 21.31 21.30
CA GLN B 83 -1.70 22.76 21.23
C GLN B 83 -2.50 23.16 20.00
N LEU B 84 -2.31 22.45 18.87
CA LEU B 84 -3.07 22.71 17.66
C LEU B 84 -4.56 22.42 17.90
N ALA B 85 -4.87 21.31 18.60
CA ALA B 85 -6.25 20.97 18.93
C ALA B 85 -6.86 22.06 19.83
N ASP B 86 -6.08 22.59 20.79
CA ASP B 86 -6.53 23.68 21.67
C ASP B 86 -6.90 24.93 20.85
N LEU B 87 -6.08 25.27 19.83
CA LEU B 87 -6.35 26.44 18.98
C LEU B 87 -7.56 26.23 18.10
N VAL B 88 -7.73 25.00 17.56
CA VAL B 88 -8.90 24.66 16.75
C VAL B 88 -10.17 24.78 17.63
N GLU B 89 -10.08 24.36 18.92
CA GLU B 89 -11.17 24.49 19.87
C GLU B 89 -11.46 25.97 20.14
N ARG B 90 -10.42 26.77 20.42
CA ARG B 90 -10.56 28.21 20.64
C ARG B 90 -11.25 28.91 19.45
N ASP B 91 -10.85 28.58 18.21
CA ASP B 91 -11.40 29.21 17.01
C ASP B 91 -12.44 28.38 16.29
N ARG B 92 -13.14 27.53 17.04
CA ARG B 92 -14.14 26.61 16.53
C ARG B 92 -15.30 27.29 15.78
N ALA B 93 -15.83 28.40 16.31
CA ALA B 93 -16.94 29.11 15.67
C ALA B 93 -16.52 29.71 14.32
N THR B 94 -15.33 30.33 14.26
CA THR B 94 -14.77 30.92 13.04
C THR B 94 -14.53 29.84 11.98
N LEU B 95 -13.93 28.71 12.39
CA LEU B 95 -13.68 27.61 11.45
C LEU B 95 -14.96 27.02 10.91
N ALA B 96 -15.98 26.85 11.78
CA ALA B 96 -17.26 26.31 11.34
C ALA B 96 -17.93 27.28 10.37
N ALA B 97 -17.87 28.59 10.65
CA ALA B 97 -18.46 29.61 9.77
C ALA B 97 -17.78 29.57 8.40
N LEU B 98 -16.43 29.48 8.35
CA LEU B 98 -15.71 29.40 7.07
C LEU B 98 -16.14 28.15 6.29
N GLU B 99 -16.39 27.03 6.98
CA GLU B 99 -16.82 25.80 6.34
C GLU B 99 -18.25 25.90 5.81
N THR B 100 -19.13 26.58 6.55
CA THR B 100 -20.51 26.77 6.12
C THR B 100 -20.54 27.69 4.89
N MET B 101 -19.75 28.77 4.89
CA MET B 101 -19.69 29.68 3.75
C MET B 101 -19.18 28.96 2.48
N ASP B 102 -18.20 28.07 2.64
CA ASP B 102 -17.59 27.38 1.52
C ASP B 102 -18.39 26.22 1.01
N THR B 103 -19.02 25.44 1.90
CA THR B 103 -19.72 24.23 1.51
C THR B 103 -21.25 24.31 1.47
N GLY B 104 -21.80 25.27 2.19
CA GLY B 104 -23.25 25.39 2.31
C GLY B 104 -23.86 24.54 3.41
N LYS B 105 -23.06 23.68 4.10
CA LYS B 105 -23.59 22.82 5.17
C LYS B 105 -24.04 23.67 6.37
N PRO B 106 -25.08 23.23 7.12
CA PRO B 106 -25.54 24.03 8.27
C PRO B 106 -24.44 24.33 9.27
N PHE B 107 -24.39 25.58 9.77
CA PHE B 107 -23.40 26.04 10.74
C PHE B 107 -23.28 25.12 11.95
N LEU B 108 -24.42 24.64 12.47
CA LEU B 108 -24.40 23.78 13.64
C LEU B 108 -23.90 22.36 13.33
N HIS B 109 -23.99 21.93 12.06
CA HIS B 109 -23.45 20.64 11.66
C HIS B 109 -21.93 20.80 11.57
N ALA B 110 -21.43 21.90 10.97
CA ALA B 110 -20.01 22.17 10.89
C ALA B 110 -19.39 22.36 12.28
N PHE B 111 -20.15 22.94 13.21
CA PHE B 111 -19.67 23.18 14.55
C PHE B 111 -19.59 21.89 15.39
N PHE B 112 -20.65 21.09 15.39
CA PHE B 112 -20.78 19.92 16.26
C PHE B 112 -20.36 18.60 15.63
N ILE B 113 -20.22 18.54 14.32
CA ILE B 113 -19.80 17.32 13.64
C ILE B 113 -18.38 17.50 13.06
N ASP B 114 -18.19 18.30 11.99
CA ASP B 114 -16.86 18.51 11.38
C ASP B 114 -15.80 18.96 12.37
N LEU B 115 -16.05 20.05 13.12
CA LEU B 115 -15.05 20.59 14.04
C LEU B 115 -14.82 19.65 15.22
N GLU B 116 -15.86 18.95 15.69
CA GLU B 116 -15.69 17.97 16.76
C GLU B 116 -14.77 16.84 16.31
N GLY B 117 -14.99 16.37 15.07
CA GLY B 117 -14.15 15.34 14.44
C GLY B 117 -12.72 15.78 14.34
N CYS B 118 -12.48 17.05 13.94
CA CYS B 118 -11.12 17.59 13.82
C CYS B 118 -10.42 17.57 15.19
N ILE B 119 -11.10 18.07 16.22
CA ILE B 119 -10.52 18.16 17.55
C ILE B 119 -10.21 16.77 18.13
N ARG B 120 -11.15 15.86 18.02
CA ARG B 120 -10.99 14.50 18.54
C ARG B 120 -9.89 13.76 17.80
N THR B 121 -9.78 13.96 16.47
CA THR B 121 -8.73 13.31 15.69
C THR B 121 -7.35 13.84 16.06
N LEU B 122 -7.21 15.18 16.22
CA LEU B 122 -5.93 15.76 16.62
C LEU B 122 -5.49 15.27 18.02
N ARG B 123 -6.42 15.23 18.98
N ARG B 123 -6.42 15.23 18.98
CA ARG B 123 -6.09 14.77 20.34
CA ARG B 123 -6.10 14.79 20.33
C ARG B 123 -5.71 13.31 20.35
C ARG B 123 -5.74 13.31 20.39
N TYR B 124 -6.42 12.49 19.59
CA TYR B 124 -6.15 11.05 19.55
C TYR B 124 -4.74 10.77 19.04
N PHE B 125 -4.36 11.35 17.89
CA PHE B 125 -3.06 11.13 17.29
C PHE B 125 -1.94 11.82 18.07
N ALA B 126 -2.25 12.90 18.83
CA ALA B 126 -1.26 13.53 19.72
C ALA B 126 -0.76 12.46 20.76
N GLY B 127 -1.65 11.57 21.19
CA GLY B 127 -1.34 10.49 22.10
C GLY B 127 -0.53 9.36 21.50
N TRP B 128 -0.54 9.19 20.17
CA TRP B 128 0.27 8.13 19.54
C TRP B 128 1.74 8.51 19.37
N ALA B 129 2.07 9.81 19.39
CA ALA B 129 3.42 10.29 19.07
C ALA B 129 4.55 9.54 19.78
N ASP B 130 4.43 9.30 21.10
CA ASP B 130 5.44 8.56 21.86
C ASP B 130 5.11 7.09 22.07
N LYS B 131 4.21 6.56 21.24
CA LYS B 131 3.76 5.18 21.31
C LYS B 131 3.88 4.43 19.97
N ILE B 132 4.61 5.00 19.00
CA ILE B 132 4.86 4.36 17.71
C ILE B 132 6.02 3.44 17.97
N GLN B 133 5.76 2.16 18.12
CA GLN B 133 6.78 1.23 18.53
C GLN B 133 7.06 0.19 17.51
N GLY B 134 8.33 -0.07 17.27
CA GLY B 134 8.72 -1.19 16.41
C GLY B 134 8.87 -2.44 17.25
N LYS B 135 9.64 -3.43 16.75
CA LYS B 135 9.76 -4.69 17.44
C LYS B 135 11.20 -5.15 17.65
N THR B 136 11.43 -6.02 18.65
CA THR B 136 12.74 -6.70 18.80
C THR B 136 12.40 -8.14 18.47
N ILE B 137 13.12 -8.70 17.51
CA ILE B 137 12.80 -9.98 16.95
C ILE B 137 13.82 -11.05 17.31
N PRO B 138 13.36 -12.17 17.89
CA PRO B 138 14.29 -13.24 18.26
C PRO B 138 14.72 -13.98 17.01
N THR B 139 16.03 -14.19 16.85
CA THR B 139 16.56 -14.85 15.66
C THR B 139 17.53 -15.94 16.17
N ASP B 140 18.84 -15.62 16.24
CA ASP B 140 19.91 -16.50 16.70
C ASP B 140 20.51 -15.94 17.98
N ASP B 141 21.19 -16.80 18.73
CA ASP B 141 21.87 -16.44 19.97
C ASP B 141 22.88 -15.30 19.80
N ASN B 142 23.55 -15.23 18.64
CA ASN B 142 24.55 -14.17 18.43
C ASN B 142 24.04 -13.02 17.54
N VAL B 143 22.71 -12.85 17.41
CA VAL B 143 22.15 -11.78 16.57
C VAL B 143 21.18 -10.89 17.35
N VAL B 144 21.26 -9.58 17.09
CA VAL B 144 20.36 -8.58 17.62
C VAL B 144 19.61 -7.97 16.43
N CYS B 145 18.32 -8.30 16.32
CA CYS B 145 17.46 -7.85 15.21
C CYS B 145 16.28 -7.06 15.75
N PHE B 146 16.02 -5.92 15.14
CA PHE B 146 14.91 -5.08 15.54
C PHE B 146 14.37 -4.24 14.38
N THR B 147 13.17 -3.68 14.52
CA THR B 147 12.61 -2.81 13.50
C THR B 147 12.40 -1.41 14.08
N ARG B 148 12.58 -0.41 13.24
CA ARG B 148 12.33 1.00 13.54
C ARG B 148 11.12 1.38 12.65
N HIS B 149 10.19 2.15 13.19
CA HIS B 149 9.04 2.62 12.44
C HIS B 149 9.32 4.11 12.21
N GLU B 150 10.05 4.39 11.13
CA GLU B 150 10.52 5.74 10.83
C GLU B 150 9.47 6.54 10.07
N PRO B 151 9.46 7.87 10.19
CA PRO B 151 8.60 8.67 9.30
C PRO B 151 9.00 8.44 7.82
N ILE B 152 8.03 8.53 6.88
CA ILE B 152 8.33 8.34 5.45
C ILE B 152 9.05 9.55 4.86
N GLY B 153 8.61 10.74 5.21
CA GLY B 153 9.21 11.96 4.65
C GLY B 153 8.17 12.99 4.30
N VAL B 154 8.25 13.50 3.08
CA VAL B 154 7.31 14.52 2.63
C VAL B 154 6.00 13.86 2.16
N CYS B 155 4.91 14.21 2.81
CA CYS B 155 3.59 13.67 2.55
C CYS B 155 2.70 14.69 1.88
N GLY B 156 2.18 14.35 0.73
CA GLY B 156 1.17 15.17 0.07
C GLY B 156 -0.21 14.76 0.57
N ALA B 157 -1.14 15.72 0.68
CA ALA B 157 -2.51 15.43 1.10
C ALA B 157 -3.47 16.18 0.14
N ILE B 158 -4.31 15.45 -0.59
CA ILE B 158 -5.25 16.06 -1.55
C ILE B 158 -6.65 15.73 -1.04
N THR B 159 -7.48 16.76 -0.77
CA THR B 159 -8.78 16.57 -0.14
C THR B 159 -9.96 17.12 -0.96
N PRO B 160 -11.19 16.65 -0.66
CA PRO B 160 -12.35 17.06 -1.45
C PRO B 160 -13.17 18.20 -0.85
N TRP B 161 -14.25 18.59 -1.55
CA TRP B 161 -15.11 19.67 -1.08
C TRP B 161 -16.17 19.28 -0.02
N ASN B 162 -16.49 17.98 0.19
CA ASN B 162 -17.62 17.64 1.10
C ASN B 162 -17.33 17.81 2.61
N PHE B 163 -16.13 17.48 3.07
CA PHE B 163 -15.72 17.67 4.47
C PHE B 163 -14.29 18.22 4.40
N PRO B 164 -14.14 19.48 3.97
CA PRO B 164 -12.79 19.98 3.70
C PRO B 164 -11.80 19.85 4.84
N LEU B 165 -12.09 20.49 5.98
CA LEU B 165 -11.14 20.49 7.07
C LEU B 165 -10.98 19.12 7.69
N LEU B 166 -12.09 18.38 7.87
CA LEU B 166 -12.02 17.05 8.49
C LEU B 166 -11.15 16.08 7.70
N MET B 167 -11.30 16.05 6.37
CA MET B 167 -10.50 15.15 5.52
C MET B 167 -9.02 15.51 5.54
N LEU B 168 -8.71 16.81 5.69
CA LEU B 168 -7.35 17.29 5.82
C LEU B 168 -6.77 16.80 7.19
N VAL B 169 -7.51 17.00 8.30
CA VAL B 169 -7.07 16.63 9.64
C VAL B 169 -6.89 15.10 9.76
N TRP B 170 -7.71 14.31 9.07
CA TRP B 170 -7.54 12.85 9.06
C TRP B 170 -6.15 12.43 8.54
N LYS B 171 -5.55 13.24 7.65
CA LYS B 171 -4.23 13.00 7.12
C LYS B 171 -3.13 13.69 7.96
N LEU B 172 -3.31 14.96 8.29
CA LEU B 172 -2.34 15.72 9.02
C LEU B 172 -2.06 15.17 10.43
N ALA B 173 -3.10 14.77 11.17
CA ALA B 173 -2.90 14.29 12.54
C ALA B 173 -1.95 13.06 12.60
N PRO B 174 -2.19 11.93 11.85
CA PRO B 174 -1.21 10.83 11.91
C PRO B 174 0.13 11.17 11.23
N ALA B 175 0.10 12.00 10.15
CA ALA B 175 1.36 12.34 9.47
C ALA B 175 2.34 13.06 10.40
N LEU B 176 1.87 14.10 11.10
CA LEU B 176 2.70 14.86 12.01
C LEU B 176 3.05 14.07 13.26
N CYS B 177 2.10 13.25 13.77
CA CYS B 177 2.41 12.46 14.96
C CYS B 177 3.57 11.46 14.67
N CYS B 178 3.68 10.98 13.43
CA CYS B 178 4.76 10.08 13.04
C CYS B 178 6.09 10.82 12.70
N GLY B 179 6.08 12.14 12.58
CA GLY B 179 7.32 12.89 12.28
C GLY B 179 7.55 13.29 10.84
N ASN B 180 6.51 13.17 10.01
CA ASN B 180 6.61 13.55 8.60
C ASN B 180 6.45 15.06 8.43
N THR B 181 6.72 15.54 7.20
CA THR B 181 6.44 16.93 6.78
C THR B 181 5.38 16.87 5.67
N MET B 182 4.71 17.98 5.37
CA MET B 182 3.54 17.94 4.49
C MET B 182 3.39 19.07 3.49
N VAL B 183 2.72 18.74 2.39
CA VAL B 183 2.29 19.68 1.37
C VAL B 183 0.79 19.34 1.17
N LEU B 184 -0.10 20.26 1.57
CA LEU B 184 -1.55 20.09 1.53
C LEU B 184 -2.17 20.80 0.32
N LYS B 185 -3.12 20.16 -0.34
CA LYS B 185 -3.90 20.78 -1.42
C LYS B 185 -5.38 20.60 -1.15
N PRO B 186 -6.06 21.62 -0.60
CA PRO B 186 -7.51 21.54 -0.44
C PRO B 186 -8.20 21.65 -1.80
N ALA B 187 -9.47 21.25 -1.85
CA ALA B 187 -10.26 21.32 -3.08
C ALA B 187 -10.42 22.79 -3.52
N GLU B 188 -10.43 23.04 -4.83
CA GLU B 188 -10.56 24.42 -5.33
C GLU B 188 -11.90 25.06 -4.89
N GLN B 189 -12.94 24.22 -4.71
CA GLN B 189 -14.24 24.71 -4.26
C GLN B 189 -14.20 25.15 -2.80
N THR B 190 -13.31 24.54 -1.98
CA THR B 190 -13.27 24.79 -0.53
C THR B 190 -11.86 25.02 0.07
N PRO B 191 -11.16 26.13 -0.23
CA PRO B 191 -9.81 26.32 0.32
C PRO B 191 -9.73 27.06 1.65
N LEU B 192 -10.82 27.70 2.11
CA LEU B 192 -10.79 28.58 3.29
C LEU B 192 -10.38 27.96 4.63
N THR B 193 -11.01 26.85 5.07
CA THR B 193 -10.65 26.30 6.38
C THR B 193 -9.21 25.81 6.43
N ALA B 194 -8.68 25.28 5.32
CA ALA B 194 -7.30 24.79 5.24
C ALA B 194 -6.35 25.96 5.45
N LEU B 195 -6.60 27.12 4.80
CA LEU B 195 -5.74 28.28 4.97
C LEU B 195 -5.80 28.85 6.37
N TYR B 196 -6.98 28.89 6.98
CA TYR B 196 -7.11 29.33 8.38
C TYR B 196 -6.34 28.36 9.29
N LEU B 197 -6.40 27.05 8.99
CA LEU B 197 -5.65 26.06 9.77
C LEU B 197 -4.15 26.34 9.70
N GLY B 198 -3.64 26.80 8.56
CA GLY B 198 -2.23 27.20 8.42
C GLY B 198 -1.81 28.23 9.44
N SER B 199 -2.67 29.23 9.71
CA SER B 199 -2.35 30.24 10.73
C SER B 199 -2.28 29.63 12.13
N LEU B 200 -3.10 28.62 12.40
CA LEU B 200 -3.09 27.93 13.68
C LEU B 200 -1.87 27.05 13.84
N ILE B 201 -1.36 26.48 12.72
CA ILE B 201 -0.17 25.64 12.72
C ILE B 201 1.07 26.48 13.10
N LYS B 202 1.16 27.72 12.58
CA LYS B 202 2.24 28.62 12.92
C LYS B 202 2.13 29.05 14.38
N GLU B 203 0.95 29.48 14.80
CA GLU B 203 0.72 29.91 16.19
C GLU B 203 0.98 28.75 17.19
N ALA B 204 0.67 27.51 16.80
CA ALA B 204 0.92 26.36 17.68
C ALA B 204 2.39 26.10 17.93
N GLY B 205 3.27 26.56 17.04
CA GLY B 205 4.69 26.42 17.24
C GLY B 205 5.39 25.41 16.37
N PHE B 206 4.70 24.88 15.34
CA PHE B 206 5.35 23.91 14.44
C PHE B 206 6.49 24.59 13.68
N PRO B 207 7.66 23.94 13.56
CA PRO B 207 8.76 24.57 12.82
C PRO B 207 8.38 24.86 11.36
N PRO B 208 8.97 25.90 10.76
CA PRO B 208 8.63 26.23 9.35
C PRO B 208 8.91 25.08 8.40
N GLY B 209 8.02 24.87 7.44
CA GLY B 209 8.20 23.81 6.46
C GLY B 209 7.54 22.49 6.84
N VAL B 210 7.19 22.31 8.13
CA VAL B 210 6.54 21.07 8.57
C VAL B 210 5.16 20.90 7.88
N VAL B 211 4.38 21.99 7.76
CA VAL B 211 3.14 21.97 7.01
C VAL B 211 3.13 23.10 5.99
N ASN B 212 2.90 22.77 4.71
CA ASN B 212 2.82 23.75 3.62
C ASN B 212 1.48 23.56 2.89
N ILE B 213 0.81 24.65 2.48
CA ILE B 213 -0.52 24.56 1.88
C ILE B 213 -0.53 25.32 0.55
N VAL B 214 -0.90 24.63 -0.53
CA VAL B 214 -0.97 25.24 -1.87
C VAL B 214 -2.36 25.08 -2.44
N PRO B 215 -3.20 26.13 -2.35
CA PRO B 215 -4.51 26.04 -2.98
C PRO B 215 -4.39 26.07 -4.51
N GLY B 216 -5.40 25.57 -5.21
CA GLY B 216 -5.39 25.50 -6.66
C GLY B 216 -6.20 24.36 -7.22
N PHE B 217 -6.08 24.15 -8.53
CA PHE B 217 -6.87 23.15 -9.23
C PHE B 217 -6.23 21.77 -9.23
N GLY B 218 -7.06 20.77 -9.46
CA GLY B 218 -6.63 19.38 -9.52
C GLY B 218 -5.63 19.06 -10.58
N PRO B 219 -5.93 19.33 -11.88
CA PRO B 219 -4.97 18.99 -12.95
C PRO B 219 -3.68 19.82 -12.96
N THR B 220 -3.62 20.90 -12.18
CA THR B 220 -2.44 21.74 -12.06
C THR B 220 -1.70 21.40 -10.73
N VAL B 221 -2.21 21.86 -9.57
CA VAL B 221 -1.56 21.62 -8.29
C VAL B 221 -1.60 20.15 -7.89
N GLY B 222 -2.76 19.51 -8.01
CA GLY B 222 -2.90 18.11 -7.61
C GLY B 222 -1.98 17.20 -8.41
N ALA B 223 -1.95 17.39 -9.75
CA ALA B 223 -1.08 16.62 -10.61
C ALA B 223 0.39 16.92 -10.36
N ALA B 224 0.76 18.17 -9.98
CA ALA B 224 2.15 18.47 -9.64
C ALA B 224 2.56 17.69 -8.37
N ILE B 225 1.64 17.54 -7.42
CA ILE B 225 1.88 16.79 -6.19
C ILE B 225 2.02 15.30 -6.47
N SER B 226 1.06 14.74 -7.23
CA SER B 226 1.06 13.29 -7.49
C SER B 226 2.26 12.82 -8.32
N SER B 227 2.76 13.69 -9.20
N SER B 227 2.77 13.67 -9.22
CA SER B 227 3.91 13.36 -10.04
CA SER B 227 3.93 13.31 -10.03
C SER B 227 5.24 13.92 -9.52
C SER B 227 5.28 13.76 -9.43
N HIS B 228 5.27 14.49 -8.31
CA HIS B 228 6.50 15.08 -7.77
C HIS B 228 7.59 14.05 -7.39
N PRO B 229 8.82 14.24 -7.91
CA PRO B 229 9.89 13.29 -7.61
C PRO B 229 10.39 13.33 -6.16
N GLN B 230 10.07 14.40 -5.39
CA GLN B 230 10.50 14.52 -4.00
C GLN B 230 9.38 14.42 -2.97
N ILE B 231 8.17 13.99 -3.40
CA ILE B 231 7.09 13.69 -2.47
C ILE B 231 7.15 12.17 -2.25
N ASN B 232 7.24 11.73 -1.01
CA ASN B 232 7.41 10.31 -0.69
C ASN B 232 6.11 9.54 -0.46
N LYS B 233 5.03 10.27 -0.16
CA LYS B 233 3.75 9.63 0.15
C LYS B 233 2.60 10.59 -0.17
N ILE B 234 1.49 10.07 -0.67
CA ILE B 234 0.30 10.88 -0.90
C ILE B 234 -0.90 10.23 -0.24
N ALA B 235 -1.77 11.04 0.36
CA ALA B 235 -3.03 10.56 0.87
C ALA B 235 -4.10 11.38 0.16
N PHE B 236 -5.02 10.67 -0.48
CA PHE B 236 -6.08 11.26 -1.28
C PHE B 236 -7.48 10.84 -0.82
N THR B 237 -8.41 11.81 -0.78
CA THR B 237 -9.83 11.55 -0.54
C THR B 237 -10.60 12.26 -1.66
N GLY B 238 -11.46 11.54 -2.35
CA GLY B 238 -12.25 12.08 -3.46
C GLY B 238 -12.84 11.01 -4.34
N SER B 239 -13.06 11.33 -5.61
CA SER B 239 -13.67 10.40 -6.55
C SER B 239 -12.74 9.25 -6.91
N THR B 240 -13.33 8.09 -7.25
CA THR B 240 -12.62 6.90 -7.69
C THR B 240 -11.82 7.19 -8.95
N GLU B 241 -12.39 7.96 -9.92
CA GLU B 241 -11.66 8.26 -11.15
C GLU B 241 -10.39 9.08 -10.91
N VAL B 242 -10.48 10.10 -10.05
CA VAL B 242 -9.32 10.93 -9.78
C VAL B 242 -8.31 10.13 -8.91
N GLY B 243 -8.81 9.31 -7.97
CA GLY B 243 -7.95 8.45 -7.15
C GLY B 243 -7.11 7.53 -8.02
N LYS B 244 -7.74 6.97 -9.10
CA LYS B 244 -6.97 6.14 -10.04
C LYS B 244 -5.87 6.94 -10.73
N LEU B 245 -6.17 8.17 -11.19
CA LEU B 245 -5.16 9.02 -11.82
C LEU B 245 -4.01 9.35 -10.88
N VAL B 246 -4.32 9.65 -9.60
CA VAL B 246 -3.31 10.01 -8.63
C VAL B 246 -2.36 8.83 -8.39
N LYS B 247 -2.93 7.62 -8.21
CA LYS B 247 -2.12 6.44 -7.95
C LYS B 247 -1.27 6.07 -9.18
N GLU B 248 -1.83 6.26 -10.39
CA GLU B 248 -1.07 5.98 -11.62
C GLU B 248 0.12 6.95 -11.75
N ALA B 249 -0.10 8.25 -11.49
CA ALA B 249 0.98 9.25 -11.58
C ALA B 249 2.05 8.97 -10.52
N ALA B 250 1.62 8.59 -9.31
CA ALA B 250 2.53 8.24 -8.23
C ALA B 250 3.42 7.05 -8.64
N SER B 251 2.83 6.06 -9.32
CA SER B 251 3.59 4.87 -9.73
C SER B 251 4.53 5.17 -10.91
N ARG B 252 4.08 6.00 -11.84
CA ARG B 252 4.86 6.40 -13.00
C ARG B 252 6.07 7.23 -12.62
N SER B 253 5.95 8.06 -11.58
CA SER B 253 7.02 8.95 -11.17
C SER B 253 8.07 8.27 -10.22
N ASN B 254 7.87 8.27 -8.90
CA ASN B 254 8.88 7.74 -7.98
C ASN B 254 8.39 6.63 -7.06
N LEU B 255 7.26 5.99 -7.41
CA LEU B 255 6.66 4.93 -6.60
C LEU B 255 6.35 5.39 -5.21
N LYS B 256 5.90 6.64 -5.06
CA LYS B 256 5.52 7.17 -3.76
C LYS B 256 4.31 6.35 -3.24
N ARG B 257 4.26 6.15 -1.93
N ARG B 257 4.23 6.14 -1.93
CA ARG B 257 3.19 5.41 -1.26
CA ARG B 257 3.14 5.37 -1.34
C ARG B 257 1.87 6.17 -1.43
C ARG B 257 1.84 6.13 -1.32
N VAL B 258 0.74 5.47 -1.65
CA VAL B 258 -0.55 6.14 -1.82
C VAL B 258 -1.67 5.54 -1.01
N THR B 259 -2.32 6.36 -0.17
CA THR B 259 -3.54 5.95 0.53
C THR B 259 -4.70 6.60 -0.27
N LEU B 260 -5.78 5.84 -0.51
CA LEU B 260 -6.97 6.37 -1.19
C LEU B 260 -8.22 6.10 -0.37
N GLU B 261 -9.10 7.11 -0.24
CA GLU B 261 -10.42 7.01 0.42
C GLU B 261 -11.38 7.50 -0.66
N LEU B 262 -12.15 6.57 -1.21
CA LEU B 262 -12.94 6.85 -2.39
C LEU B 262 -14.45 6.70 -2.13
N GLY B 263 -15.26 6.61 -3.18
CA GLY B 263 -16.69 6.49 -3.01
C GLY B 263 -17.09 5.08 -2.65
N GLY B 264 -18.38 4.92 -2.47
CA GLY B 264 -18.98 3.63 -2.22
C GLY B 264 -20.39 3.57 -2.78
N LYS B 265 -20.96 2.37 -2.78
CA LYS B 265 -22.35 2.11 -3.18
C LYS B 265 -22.84 1.38 -1.92
N ASN B 266 -22.98 2.13 -0.82
CA ASN B 266 -23.15 1.53 0.50
C ASN B 266 -24.53 1.00 0.78
N PRO B 267 -24.61 -0.25 1.27
CA PRO B 267 -25.91 -0.80 1.59
C PRO B 267 -26.33 -0.65 3.05
N CYS B 268 -27.64 -0.63 3.27
N CYS B 268 -27.62 -0.57 3.22
CA CYS B 268 -28.28 -0.52 4.60
CA CYS B 268 -28.32 -0.64 4.49
C CYS B 268 -29.35 -1.62 4.67
C CYS B 268 -29.09 -1.94 4.36
N ILE B 269 -29.08 -2.73 5.42
CA ILE B 269 -29.85 -3.96 5.47
C ILE B 269 -30.74 -3.97 6.71
N VAL B 270 -32.07 -3.94 6.49
CA VAL B 270 -33.04 -3.90 7.55
C VAL B 270 -33.77 -5.24 7.62
N CYS B 271 -33.53 -5.95 8.71
CA CYS B 271 -34.15 -7.25 8.90
C CYS B 271 -35.55 -7.10 9.49
N ALA B 272 -36.38 -8.12 9.33
CA ALA B 272 -37.77 -8.08 9.86
C ALA B 272 -37.78 -7.92 11.38
N ASP B 273 -36.73 -8.41 12.08
CA ASP B 273 -36.72 -8.31 13.53
C ASP B 273 -36.04 -7.03 14.08
N ALA B 274 -35.73 -6.08 13.19
CA ALA B 274 -35.10 -4.83 13.59
C ALA B 274 -36.02 -3.99 14.48
N ASP B 275 -35.45 -3.00 15.19
CA ASP B 275 -36.21 -1.98 15.89
C ASP B 275 -36.52 -1.06 14.70
N LEU B 276 -37.74 -1.17 14.17
CA LEU B 276 -38.10 -0.47 12.94
C LEU B 276 -37.92 1.03 13.01
N ASP B 277 -38.32 1.69 14.11
CA ASP B 277 -38.16 3.12 14.23
C ASP B 277 -36.68 3.54 14.25
N LEU B 278 -35.82 2.69 14.84
CA LEU B 278 -34.39 2.98 14.85
C LEU B 278 -33.87 2.84 13.41
N ALA B 279 -34.24 1.77 12.71
CA ALA B 279 -33.81 1.53 11.34
C ALA B 279 -34.23 2.65 10.39
N VAL B 280 -35.49 3.12 10.50
CA VAL B 280 -36.01 4.20 9.66
C VAL B 280 -35.20 5.47 9.90
N GLU B 281 -34.98 5.85 11.17
CA GLU B 281 -34.24 7.06 11.55
C GLU B 281 -32.75 7.00 11.10
N CYS B 282 -32.07 5.87 11.32
CA CYS B 282 -30.66 5.72 10.90
C CYS B 282 -30.53 5.69 9.39
N ALA B 283 -31.40 4.94 8.67
CA ALA B 283 -31.34 4.92 7.20
C ALA B 283 -31.71 6.31 6.62
N HIS B 284 -32.57 7.08 7.33
CA HIS B 284 -32.91 8.43 6.88
C HIS B 284 -31.64 9.30 7.01
N GLN B 285 -31.03 9.37 8.19
CA GLN B 285 -29.80 10.16 8.37
C GLN B 285 -28.68 9.67 7.44
N GLY B 286 -28.63 8.36 7.21
CA GLY B 286 -27.66 7.75 6.33
C GLY B 286 -27.74 8.21 4.90
N VAL B 287 -28.96 8.42 4.40
CA VAL B 287 -29.18 8.88 3.03
C VAL B 287 -29.06 10.41 2.92
N PHE B 288 -29.72 11.13 3.82
CA PHE B 288 -29.86 12.59 3.72
C PHE B 288 -28.82 13.44 4.45
N PHE B 289 -27.91 12.86 5.27
CA PHE B 289 -26.88 13.65 5.94
C PHE B 289 -25.98 14.35 4.92
N ASN B 290 -25.59 15.61 5.22
CA ASN B 290 -24.75 16.47 4.38
C ASN B 290 -25.34 16.57 2.96
N GLN B 291 -26.68 16.66 2.87
CA GLN B 291 -27.40 16.75 1.60
C GLN B 291 -27.18 15.51 0.70
N GLY B 292 -26.82 14.38 1.30
CA GLY B 292 -26.49 13.15 0.57
C GLY B 292 -25.08 13.13 0.01
N GLN B 293 -24.29 14.20 0.24
CA GLN B 293 -22.92 14.40 -0.26
C GLN B 293 -21.89 13.86 0.72
N CYS B 294 -21.95 12.56 0.97
N CYS B 294 -21.97 12.55 0.96
CA CYS B 294 -21.04 11.92 1.90
CA CYS B 294 -21.15 11.81 1.90
C CYS B 294 -20.66 10.57 1.35
C CYS B 294 -20.64 10.57 1.23
N CYS B 295 -19.38 10.22 1.46
CA CYS B 295 -18.84 8.94 1.00
C CYS B 295 -19.53 7.79 1.75
N THR B 296 -20.02 8.02 2.98
CA THR B 296 -20.72 7.04 3.81
C THR B 296 -22.24 6.90 3.47
N ALA B 297 -22.78 7.77 2.56
CA ALA B 297 -24.20 7.74 2.22
C ALA B 297 -24.75 6.37 1.88
N ALA B 298 -25.94 6.10 2.37
CA ALA B 298 -26.64 4.86 2.05
C ALA B 298 -27.19 5.04 0.64
N SER B 299 -26.83 4.17 -0.27
CA SER B 299 -27.29 4.25 -1.64
C SER B 299 -28.25 3.11 -2.02
N ARG B 300 -28.37 2.08 -1.16
CA ARG B 300 -29.23 0.94 -1.40
C ARG B 300 -29.79 0.54 -0.05
N VAL B 301 -31.07 0.81 0.22
CA VAL B 301 -31.67 0.42 1.48
C VAL B 301 -32.43 -0.88 1.27
N PHE B 302 -31.86 -2.03 1.65
CA PHE B 302 -32.51 -3.33 1.48
C PHE B 302 -33.37 -3.60 2.70
N VAL B 303 -34.69 -3.82 2.50
CA VAL B 303 -35.63 -4.08 3.60
C VAL B 303 -36.32 -5.43 3.43
N GLU B 304 -36.36 -6.24 4.52
CA GLU B 304 -36.97 -7.56 4.43
C GLU B 304 -38.47 -7.44 4.12
N GLU B 305 -38.98 -8.36 3.31
CA GLU B 305 -40.37 -8.32 2.82
C GLU B 305 -41.42 -8.11 3.93
N GLN B 306 -41.23 -8.77 5.10
CA GLN B 306 -42.15 -8.67 6.23
C GLN B 306 -42.37 -7.27 6.75
N VAL B 307 -41.37 -6.38 6.62
CA VAL B 307 -41.50 -5.01 7.13
C VAL B 307 -41.36 -3.94 6.03
N TYR B 308 -41.20 -4.36 4.79
CA TYR B 308 -41.02 -3.48 3.63
C TYR B 308 -42.03 -2.34 3.55
N SER B 309 -43.35 -2.65 3.50
CA SER B 309 -44.35 -1.60 3.33
C SER B 309 -44.36 -0.61 4.47
N GLU B 310 -44.24 -1.09 5.70
CA GLU B 310 -44.22 -0.19 6.86
C GLU B 310 -42.96 0.66 6.88
N PHE B 311 -41.82 0.10 6.49
CA PHE B 311 -40.56 0.85 6.44
C PHE B 311 -40.69 2.01 5.42
N VAL B 312 -41.23 1.72 4.23
CA VAL B 312 -41.41 2.75 3.19
C VAL B 312 -42.30 3.89 3.70
N ARG B 313 -43.45 3.51 4.33
CA ARG B 313 -44.39 4.48 4.89
C ARG B 313 -43.74 5.41 5.90
N ARG B 314 -43.01 4.85 6.90
CA ARG B 314 -42.35 5.69 7.91
C ARG B 314 -41.21 6.52 7.29
N SER B 315 -40.53 5.99 6.27
CA SER B 315 -39.44 6.72 5.60
C SER B 315 -40.00 7.95 4.89
N VAL B 316 -41.11 7.77 4.14
CA VAL B 316 -41.79 8.86 3.42
C VAL B 316 -42.17 10.00 4.38
N GLU B 317 -42.62 9.64 5.59
CA GLU B 317 -42.97 10.59 6.64
C GLU B 317 -41.76 11.43 7.10
N TYR B 318 -40.59 10.77 7.32
CA TYR B 318 -39.35 11.42 7.76
C TYR B 318 -38.80 12.35 6.67
N ALA B 319 -38.85 11.91 5.41
CA ALA B 319 -38.34 12.68 4.29
C ALA B 319 -39.13 13.97 4.09
N LYS B 320 -40.45 13.92 4.30
CA LYS B 320 -41.32 15.08 4.11
C LYS B 320 -41.16 16.16 5.19
N LYS B 321 -40.73 15.77 6.41
CA LYS B 321 -40.58 16.73 7.50
C LYS B 321 -39.20 17.37 7.62
N ARG B 322 -38.20 16.91 6.83
CA ARG B 322 -36.83 17.44 6.91
C ARG B 322 -36.72 18.92 6.49
N PRO B 323 -36.32 19.79 7.44
CA PRO B 323 -36.21 21.23 7.12
C PRO B 323 -35.03 21.60 6.22
N VAL B 324 -35.34 22.01 4.99
CA VAL B 324 -34.36 22.43 4.00
C VAL B 324 -34.36 23.97 3.91
N GLY B 325 -33.18 24.59 3.97
CA GLY B 325 -33.10 26.04 3.90
C GLY B 325 -31.73 26.64 4.16
N ASP B 326 -31.71 27.84 4.77
CA ASP B 326 -30.50 28.59 5.09
C ASP B 326 -29.64 27.85 6.10
N PRO B 327 -28.38 27.54 5.74
CA PRO B 327 -27.48 26.83 6.67
C PRO B 327 -27.22 27.52 8.00
N PHE B 328 -27.22 28.86 8.06
CA PHE B 328 -27.01 29.57 9.32
C PHE B 328 -28.23 29.57 10.26
N ASP B 329 -29.42 29.21 9.74
CA ASP B 329 -30.63 29.13 10.56
C ASP B 329 -30.59 27.84 11.39
N VAL B 330 -30.76 27.98 12.72
CA VAL B 330 -30.73 26.91 13.72
C VAL B 330 -31.59 25.69 13.38
N LYS B 331 -32.76 25.90 12.75
CA LYS B 331 -33.66 24.80 12.41
C LYS B 331 -33.24 23.95 11.21
N THR B 332 -32.44 24.51 10.28
CA THR B 332 -32.02 23.84 9.06
C THR B 332 -31.19 22.56 9.25
N GLU B 333 -31.63 21.47 8.60
CA GLU B 333 -30.93 20.20 8.59
C GLU B 333 -30.36 19.87 7.18
N GLN B 334 -30.77 20.61 6.14
CA GLN B 334 -30.29 20.37 4.79
C GLN B 334 -30.11 21.68 4.05
N GLY B 335 -28.86 22.01 3.72
CA GLY B 335 -28.55 23.19 2.94
C GLY B 335 -28.61 22.89 1.45
N PRO B 336 -27.94 23.71 0.62
CA PRO B 336 -27.95 23.43 -0.83
C PRO B 336 -26.93 22.36 -1.24
N GLN B 337 -27.06 21.86 -2.48
CA GLN B 337 -26.03 21.00 -3.04
C GLN B 337 -24.81 21.92 -3.36
N ILE B 338 -23.60 21.37 -3.47
CA ILE B 338 -22.40 22.18 -3.66
C ILE B 338 -22.36 22.98 -4.98
N ASP B 339 -22.69 22.34 -6.12
CA ASP B 339 -22.61 23.02 -7.41
C ASP B 339 -23.59 22.45 -8.47
N GLN B 340 -23.68 23.15 -9.64
CA GLN B 340 -24.55 22.83 -10.76
C GLN B 340 -24.37 21.43 -11.37
N LYS B 341 -23.13 21.00 -11.60
CA LYS B 341 -22.88 19.67 -12.19
C LYS B 341 -23.38 18.56 -11.26
N GLN B 342 -23.20 18.75 -9.94
CA GLN B 342 -23.62 17.82 -8.92
C GLN B 342 -25.15 17.79 -8.88
N PHE B 343 -25.79 18.97 -8.79
CA PHE B 343 -27.23 19.18 -8.75
C PHE B 343 -27.96 18.58 -9.97
N ASP B 344 -27.46 18.86 -11.18
CA ASP B 344 -28.07 18.35 -12.41
C ASP B 344 -27.96 16.83 -12.51
N LYS B 345 -26.86 16.25 -11.98
CA LYS B 345 -26.64 14.81 -11.98
C LYS B 345 -27.73 14.14 -11.13
N ILE B 346 -28.05 14.72 -9.97
CA ILE B 346 -29.09 14.20 -9.08
C ILE B 346 -30.44 14.14 -9.77
N LEU B 347 -30.87 15.27 -10.38
CA LEU B 347 -32.14 15.34 -11.09
C LEU B 347 -32.22 14.37 -12.25
N GLU B 348 -31.10 14.10 -12.94
CA GLU B 348 -31.09 13.16 -14.06
C GLU B 348 -31.29 11.72 -13.54
N LEU B 349 -30.71 11.41 -12.37
CA LEU B 349 -30.89 10.08 -11.78
C LEU B 349 -32.30 9.92 -11.27
N ILE B 350 -32.89 10.98 -10.68
CA ILE B 350 -34.28 10.96 -10.22
C ILE B 350 -35.23 10.66 -11.39
N GLU B 351 -34.98 11.30 -12.55
CA GLU B 351 -35.77 11.09 -13.76
C GLU B 351 -35.66 9.63 -14.25
N SER B 352 -34.48 9.05 -14.12
CA SER B 352 -34.22 7.66 -14.52
C SER B 352 -35.03 6.65 -13.70
N GLY B 353 -35.28 6.97 -12.43
CA GLY B 353 -36.03 6.11 -11.53
C GLY B 353 -37.47 5.87 -11.98
N LYS B 354 -38.18 6.97 -12.27
CA LYS B 354 -39.57 6.92 -12.73
C LYS B 354 -39.65 6.13 -14.05
N LYS B 355 -38.74 6.41 -14.99
CA LYS B 355 -38.71 5.74 -16.28
C LYS B 355 -38.40 4.24 -16.21
N GLU B 356 -37.57 3.80 -15.26
CA GLU B 356 -37.19 2.39 -15.18
C GLU B 356 -38.18 1.51 -14.39
N GLY B 357 -39.14 2.11 -13.70
CA GLY B 357 -40.16 1.34 -13.00
C GLY B 357 -40.24 1.51 -11.50
N ALA B 358 -39.43 2.40 -10.91
CA ALA B 358 -39.47 2.64 -9.47
C ALA B 358 -40.66 3.51 -9.14
N LYS B 359 -41.20 3.36 -7.93
CA LYS B 359 -42.33 4.13 -7.49
C LYS B 359 -41.88 5.36 -6.71
N LEU B 360 -42.07 6.55 -7.30
CA LEU B 360 -41.69 7.78 -6.62
C LEU B 360 -42.67 8.02 -5.48
N GLU B 361 -42.23 7.77 -4.24
CA GLU B 361 -43.09 7.92 -3.08
C GLU B 361 -43.21 9.37 -2.61
N CYS B 362 -42.16 10.18 -2.82
CA CYS B 362 -42.15 11.60 -2.43
C CYS B 362 -40.97 12.35 -3.06
N GLY B 363 -41.04 13.68 -3.08
CA GLY B 363 -40.01 14.53 -3.67
C GLY B 363 -39.92 14.33 -5.17
N GLY B 364 -38.71 14.22 -5.69
CA GLY B 364 -38.50 13.96 -7.10
C GLY B 364 -38.30 15.18 -7.98
N SER B 365 -37.98 16.33 -7.37
CA SER B 365 -37.76 17.58 -8.10
C SER B 365 -37.04 18.64 -7.24
N ALA B 366 -36.65 19.77 -7.84
CA ALA B 366 -35.98 20.84 -7.11
C ALA B 366 -36.95 21.56 -6.17
N MET B 367 -36.41 22.18 -5.11
CA MET B 367 -37.21 22.91 -4.14
C MET B 367 -37.68 24.24 -4.75
N GLU B 368 -36.79 24.91 -5.50
CA GLU B 368 -37.10 26.19 -6.15
C GLU B 368 -36.42 26.26 -7.53
N ASP B 369 -36.94 27.12 -8.43
CA ASP B 369 -36.39 27.27 -9.78
C ASP B 369 -35.13 28.12 -9.88
N LYS B 370 -34.54 28.53 -8.74
CA LYS B 370 -33.34 29.36 -8.76
C LYS B 370 -32.13 28.77 -7.98
N GLY B 371 -32.38 28.28 -6.76
CA GLY B 371 -31.34 27.74 -5.90
C GLY B 371 -30.83 26.36 -6.24
N LEU B 372 -29.90 25.84 -5.43
CA LEU B 372 -29.33 24.51 -5.62
C LEU B 372 -29.93 23.48 -4.65
N PHE B 373 -31.19 23.66 -4.26
CA PHE B 373 -31.84 22.78 -3.30
C PHE B 373 -32.70 21.71 -3.98
N ILE B 374 -32.61 20.46 -3.51
CA ILE B 374 -33.41 19.36 -4.04
C ILE B 374 -34.29 18.80 -2.90
N LYS B 375 -35.56 18.52 -3.19
CA LYS B 375 -36.51 18.01 -2.19
C LYS B 375 -36.20 16.55 -1.84
N PRO B 376 -36.15 16.23 -0.52
CA PRO B 376 -35.87 14.85 -0.08
C PRO B 376 -36.73 13.82 -0.79
N THR B 377 -36.10 12.92 -1.52
CA THR B 377 -36.77 11.96 -2.39
C THR B 377 -36.65 10.51 -1.92
N VAL B 378 -37.74 9.73 -2.07
CA VAL B 378 -37.78 8.32 -1.71
C VAL B 378 -38.36 7.51 -2.85
N PHE B 379 -37.74 6.39 -3.18
CA PHE B 379 -38.23 5.50 -4.23
C PHE B 379 -38.47 4.12 -3.66
N SER B 380 -39.64 3.52 -3.94
CA SER B 380 -39.89 2.14 -3.56
C SER B 380 -39.88 1.26 -4.83
N GLU B 381 -40.04 -0.05 -4.69
CA GLU B 381 -40.03 -1.01 -5.79
C GLU B 381 -38.73 -0.92 -6.59
N VAL B 382 -37.60 -0.67 -5.90
CA VAL B 382 -36.31 -0.55 -6.56
C VAL B 382 -35.67 -1.92 -6.75
N THR B 383 -35.19 -2.19 -7.97
CA THR B 383 -34.52 -3.44 -8.29
C THR B 383 -33.03 -3.18 -8.60
N ASP B 384 -32.19 -4.22 -8.46
CA ASP B 384 -30.73 -4.17 -8.62
C ASP B 384 -30.24 -3.66 -9.96
N ASN B 385 -30.96 -3.97 -11.03
CA ASN B 385 -30.61 -3.58 -12.40
C ASN B 385 -30.86 -2.10 -12.71
N MET B 386 -31.54 -1.37 -11.81
CA MET B 386 -31.83 0.04 -12.03
C MET B 386 -30.66 1.00 -11.79
N ARG B 387 -30.68 2.15 -12.48
CA ARG B 387 -29.63 3.17 -12.34
C ARG B 387 -29.58 3.75 -10.94
N ILE B 388 -30.75 3.97 -10.30
CA ILE B 388 -30.77 4.51 -8.94
C ILE B 388 -30.21 3.52 -7.90
N ALA B 389 -29.97 2.26 -8.28
CA ALA B 389 -29.41 1.22 -7.42
C ALA B 389 -27.99 0.80 -7.84
N LYS B 390 -27.42 1.43 -8.88
CA LYS B 390 -26.08 1.08 -9.36
C LYS B 390 -25.13 2.26 -9.32
N GLU B 391 -25.64 3.48 -9.51
CA GLU B 391 -24.78 4.65 -9.56
C GLU B 391 -24.85 5.50 -8.31
N GLU B 392 -23.71 6.08 -7.92
CA GLU B 392 -23.65 6.93 -6.74
C GLU B 392 -24.32 8.26 -7.03
N ILE B 393 -25.46 8.48 -6.39
CA ILE B 393 -26.28 9.68 -6.55
C ILE B 393 -25.66 10.91 -5.92
N PHE B 394 -25.02 10.78 -4.75
CA PHE B 394 -24.42 11.91 -4.03
C PHE B 394 -25.45 13.03 -3.78
N GLY B 395 -26.70 12.63 -3.53
CA GLY B 395 -27.81 13.54 -3.30
C GLY B 395 -28.87 12.99 -2.36
N PRO B 396 -29.94 13.77 -2.12
CA PRO B 396 -30.98 13.31 -1.18
C PRO B 396 -32.02 12.39 -1.83
N VAL B 397 -31.61 11.18 -2.22
CA VAL B 397 -32.48 10.20 -2.86
C VAL B 397 -32.34 8.83 -2.15
N GLN B 398 -33.46 8.29 -1.66
CA GLN B 398 -33.49 7.02 -0.95
C GLN B 398 -34.08 5.87 -1.76
N PRO B 399 -33.24 5.02 -2.34
CA PRO B 399 -33.76 3.86 -3.06
C PRO B 399 -34.02 2.70 -2.08
N ILE B 400 -35.27 2.23 -1.99
CA ILE B 400 -35.65 1.14 -1.10
C ILE B 400 -35.92 -0.15 -1.88
N LEU B 401 -35.08 -1.16 -1.68
CA LEU B 401 -35.15 -2.45 -2.34
C LEU B 401 -35.70 -3.49 -1.37
N LYS B 402 -36.35 -4.53 -1.89
CA LYS B 402 -36.94 -5.56 -1.03
C LYS B 402 -36.12 -6.83 -1.12
N PHE B 403 -35.99 -7.58 0.00
CA PHE B 403 -35.29 -8.86 -0.01
C PHE B 403 -36.06 -9.91 0.81
N LYS B 404 -35.77 -11.19 0.59
CA LYS B 404 -36.46 -12.27 1.29
C LYS B 404 -35.56 -13.06 2.22
N SER B 405 -34.29 -13.31 1.84
CA SER B 405 -33.40 -14.08 2.68
C SER B 405 -32.05 -13.39 2.96
N ILE B 406 -31.37 -13.82 4.05
CA ILE B 406 -30.06 -13.30 4.46
C ILE B 406 -29.02 -13.67 3.40
N GLU B 407 -29.00 -14.92 2.95
CA GLU B 407 -28.06 -15.39 1.93
C GLU B 407 -28.22 -14.61 0.62
N GLU B 408 -29.48 -14.29 0.27
CA GLU B 408 -29.79 -13.51 -0.91
C GLU B 408 -29.26 -12.08 -0.76
N VAL B 409 -29.55 -11.43 0.39
CA VAL B 409 -29.15 -10.05 0.60
C VAL B 409 -27.63 -9.90 0.74
N ILE B 410 -26.91 -10.93 1.22
CA ILE B 410 -25.44 -10.88 1.30
C ILE B 410 -24.89 -10.77 -0.14
N LYS B 411 -25.35 -11.66 -1.03
CA LYS B 411 -24.93 -11.69 -2.43
C LYS B 411 -25.24 -10.37 -3.12
N ARG B 412 -26.45 -9.83 -2.94
CA ARG B 412 -26.82 -8.57 -3.57
C ARG B 412 -26.03 -7.38 -3.03
N ALA B 413 -25.85 -7.30 -1.71
CA ALA B 413 -25.10 -6.21 -1.11
C ALA B 413 -23.63 -6.24 -1.59
N ASN B 414 -23.03 -7.43 -1.74
CA ASN B 414 -21.63 -7.57 -2.16
C ASN B 414 -21.43 -7.59 -3.68
N SER B 415 -22.51 -7.42 -4.48
CA SER B 415 -22.40 -7.52 -5.96
C SER B 415 -21.82 -6.28 -6.65
N THR B 416 -21.25 -5.38 -5.90
CA THR B 416 -20.68 -4.11 -6.35
C THR B 416 -19.14 -4.18 -6.41
N ASP B 417 -18.51 -3.26 -7.16
CA ASP B 417 -17.04 -3.17 -7.17
C ASP B 417 -16.53 -2.34 -5.96
N TYR B 418 -17.45 -1.79 -5.11
CA TYR B 418 -17.14 -0.92 -3.99
C TYR B 418 -17.33 -1.63 -2.65
N GLY B 419 -16.90 -1.01 -1.57
CA GLY B 419 -17.03 -1.59 -0.24
C GLY B 419 -16.56 -0.66 0.85
N LEU B 420 -17.12 0.54 0.96
CA LEU B 420 -16.68 1.48 1.97
C LEU B 420 -17.35 1.21 3.34
N THR B 421 -18.70 1.31 3.39
CA THR B 421 -19.47 1.06 4.60
C THR B 421 -20.67 0.15 4.31
N ALA B 422 -21.27 -0.40 5.39
CA ALA B 422 -22.49 -1.17 5.34
C ALA B 422 -23.14 -0.96 6.71
N ALA B 423 -24.48 -1.07 6.76
CA ALA B 423 -25.18 -1.01 8.03
C ALA B 423 -26.23 -2.11 8.09
N VAL B 424 -26.37 -2.72 9.27
CA VAL B 424 -27.27 -3.84 9.50
C VAL B 424 -28.16 -3.48 10.66
N PHE B 425 -29.47 -3.73 10.53
CA PHE B 425 -30.43 -3.47 11.59
C PHE B 425 -31.17 -4.75 11.92
N THR B 426 -30.91 -5.29 13.11
CA THR B 426 -31.50 -6.54 13.58
C THR B 426 -31.30 -6.63 15.09
N LYS B 427 -32.27 -7.24 15.75
CA LYS B 427 -32.12 -7.48 17.20
C LYS B 427 -31.47 -8.83 17.48
N ASN B 428 -31.26 -9.66 16.43
CA ASN B 428 -30.77 -11.02 16.52
C ASN B 428 -29.25 -11.10 16.51
N LEU B 429 -28.68 -11.71 17.56
CA LEU B 429 -27.23 -11.88 17.71
C LEU B 429 -26.60 -12.57 16.49
N ASP B 430 -27.12 -13.75 16.11
CA ASP B 430 -26.55 -14.51 15.00
C ASP B 430 -26.60 -13.83 13.66
N LYS B 431 -27.73 -13.20 13.31
CA LYS B 431 -27.82 -12.51 12.03
C LYS B 431 -26.87 -11.32 12.01
N ALA B 432 -26.79 -10.56 13.11
CA ALA B 432 -25.91 -9.39 13.15
C ALA B 432 -24.45 -9.77 12.89
N LEU B 433 -23.96 -10.84 13.56
CA LEU B 433 -22.58 -11.31 13.42
C LEU B 433 -22.32 -12.02 12.10
N LYS B 434 -23.30 -12.77 11.61
CA LYS B 434 -23.15 -13.42 10.30
C LYS B 434 -23.04 -12.36 9.19
N LEU B 435 -23.90 -11.35 9.22
CA LEU B 435 -23.85 -10.27 8.24
C LEU B 435 -22.55 -9.42 8.38
N ALA B 436 -22.14 -9.10 9.62
CA ALA B 436 -20.90 -8.34 9.85
C ALA B 436 -19.68 -9.08 9.28
N SER B 437 -19.68 -10.40 9.41
CA SER B 437 -18.61 -11.23 8.84
C SER B 437 -18.66 -11.31 7.30
N ALA B 438 -19.84 -11.52 6.72
CA ALA B 438 -20.03 -11.70 5.28
C ALA B 438 -20.02 -10.43 4.40
N LEU B 439 -20.37 -9.26 4.92
CA LEU B 439 -20.41 -8.05 4.10
C LEU B 439 -18.98 -7.58 3.75
N GLU B 440 -18.66 -7.39 2.46
CA GLU B 440 -17.33 -6.96 2.04
C GLU B 440 -17.25 -5.43 2.11
N SER B 441 -17.10 -4.89 3.32
CA SER B 441 -17.07 -3.45 3.58
C SER B 441 -16.07 -3.16 4.68
N GLY B 442 -15.41 -2.00 4.56
CA GLY B 442 -14.39 -1.54 5.49
C GLY B 442 -14.95 -1.25 6.88
N THR B 443 -16.19 -0.72 6.93
CA THR B 443 -16.89 -0.49 8.20
C THR B 443 -18.28 -1.15 8.11
N VAL B 444 -18.67 -1.95 9.12
CA VAL B 444 -19.99 -2.53 9.24
C VAL B 444 -20.63 -1.98 10.53
N TRP B 445 -21.63 -1.13 10.38
CA TRP B 445 -22.35 -0.60 11.52
C TRP B 445 -23.53 -1.54 11.84
N ILE B 446 -23.76 -1.80 13.14
CA ILE B 446 -24.91 -2.60 13.56
C ILE B 446 -25.76 -1.73 14.46
N ASN B 447 -27.03 -1.52 14.04
CA ASN B 447 -28.02 -0.73 14.80
C ASN B 447 -27.60 0.71 15.01
N CYS B 448 -26.83 1.24 14.08
CA CYS B 448 -26.41 2.64 14.09
C CYS B 448 -25.95 2.98 12.67
N TYR B 449 -25.61 4.24 12.44
CA TYR B 449 -25.13 4.71 11.13
C TYR B 449 -24.21 5.91 11.35
N ASN B 450 -23.15 6.07 10.54
CA ASN B 450 -22.22 7.21 10.67
C ASN B 450 -21.58 7.30 12.05
N ALA B 451 -21.37 6.16 12.71
CA ALA B 451 -20.77 6.12 14.04
C ALA B 451 -19.25 6.04 13.84
N LEU B 452 -18.60 7.20 13.76
CA LEU B 452 -17.14 7.26 13.59
C LEU B 452 -16.43 7.63 14.90
N TYR B 453 -15.22 7.10 15.06
CA TYR B 453 -14.39 7.31 16.22
C TYR B 453 -12.96 7.53 15.74
N ALA B 454 -12.23 8.49 16.34
CA ALA B 454 -10.83 8.71 15.94
C ALA B 454 -9.98 7.42 16.16
N GLN B 455 -10.40 6.54 17.10
CA GLN B 455 -9.69 5.29 17.43
C GLN B 455 -10.10 4.08 16.56
N ALA B 456 -11.15 4.22 15.71
CA ALA B 456 -11.61 3.11 14.86
C ALA B 456 -11.21 3.37 13.40
N PRO B 457 -10.46 2.44 12.76
CA PRO B 457 -10.04 2.69 11.36
C PRO B 457 -11.25 2.75 10.42
N PHE B 458 -11.07 3.49 9.34
CA PHE B 458 -12.08 3.75 8.34
C PHE B 458 -11.40 3.68 6.98
N GLY B 459 -12.02 2.99 6.05
CA GLY B 459 -11.50 2.89 4.69
C GLY B 459 -12.19 1.83 3.88
N GLY B 460 -11.85 1.75 2.60
CA GLY B 460 -12.58 0.85 1.72
C GLY B 460 -11.96 -0.48 1.37
N PHE B 461 -12.84 -1.43 1.08
CA PHE B 461 -12.50 -2.70 0.44
C PHE B 461 -12.65 -2.41 -1.07
N LYS B 462 -12.03 -3.25 -1.91
CA LYS B 462 -12.18 -3.18 -3.37
C LYS B 462 -11.90 -1.74 -3.92
N MET B 463 -12.77 -1.19 -4.82
CA MET B 463 -12.51 0.12 -5.40
C MET B 463 -12.91 1.30 -4.52
N SER B 464 -13.27 1.05 -3.27
CA SER B 464 -13.56 2.15 -2.33
C SER B 464 -12.29 2.75 -1.68
N GLY B 465 -11.14 2.11 -1.89
CA GLY B 465 -9.88 2.66 -1.41
C GLY B 465 -8.78 1.67 -1.15
N ASN B 466 -7.62 2.19 -0.72
CA ASN B 466 -6.41 1.44 -0.36
C ASN B 466 -5.95 2.06 0.98
N GLY B 467 -5.72 1.24 2.00
CA GLY B 467 -5.25 1.74 3.28
C GLY B 467 -6.36 2.18 4.20
N ARG B 468 -5.99 2.58 5.42
CA ARG B 468 -6.98 3.02 6.38
C ARG B 468 -6.61 4.37 6.96
N GLU B 469 -7.63 5.14 7.31
CA GLU B 469 -7.48 6.39 8.03
C GLU B 469 -8.08 6.14 9.44
N LEU B 470 -7.61 6.87 10.46
CA LEU B 470 -8.06 6.72 11.86
C LEU B 470 -7.51 5.46 12.51
N GLY B 471 -7.55 5.42 13.83
CA GLY B 471 -7.03 4.31 14.61
C GLY B 471 -5.53 4.14 14.53
N GLU B 472 -5.07 3.10 15.21
CA GLU B 472 -3.67 2.71 15.20
C GLU B 472 -3.20 2.38 13.76
N TYR B 473 -4.11 1.81 12.96
CA TYR B 473 -3.88 1.45 11.56
C TYR B 473 -3.42 2.62 10.71
N ALA B 474 -3.83 3.87 11.06
CA ALA B 474 -3.41 5.03 10.28
C ALA B 474 -1.88 5.21 10.28
N LEU B 475 -1.20 4.89 11.42
CA LEU B 475 0.25 4.99 11.59
C LEU B 475 1.02 4.18 10.56
N ALA B 476 0.50 3.00 10.14
CA ALA B 476 1.20 2.20 9.11
C ALA B 476 1.29 2.93 7.77
N GLU B 477 0.37 3.87 7.49
CA GLU B 477 0.41 4.62 6.23
C GLU B 477 1.48 5.71 6.23
N TYR B 478 1.91 6.17 7.42
CA TYR B 478 2.82 7.28 7.64
C TYR B 478 4.21 6.90 8.18
N THR B 479 4.52 5.62 8.16
CA THR B 479 5.81 5.13 8.61
C THR B 479 6.35 4.13 7.61
N GLU B 480 7.67 3.98 7.63
CA GLU B 480 8.41 3.09 6.76
C GLU B 480 9.15 2.16 7.71
N VAL B 481 9.11 0.86 7.47
CA VAL B 481 9.75 -0.11 8.37
C VAL B 481 11.21 -0.37 8.01
N LYS B 482 12.12 -0.17 8.95
CA LYS B 482 13.53 -0.46 8.75
C LYS B 482 13.94 -1.61 9.67
N THR B 483 14.49 -2.71 9.12
CA THR B 483 14.99 -3.80 9.91
C THR B 483 16.52 -3.57 10.16
N VAL B 484 16.97 -3.60 11.43
CA VAL B 484 18.39 -3.45 11.73
C VAL B 484 18.81 -4.80 12.30
N THR B 485 19.75 -5.47 11.60
CA THR B 485 20.24 -6.79 11.97
C THR B 485 21.76 -6.74 12.33
N ILE B 486 22.07 -6.96 13.61
CA ILE B 486 23.43 -6.85 14.11
C ILE B 486 23.98 -8.22 14.46
N LYS B 487 25.08 -8.63 13.84
CA LYS B 487 25.70 -9.90 14.18
C LYS B 487 26.85 -9.69 15.17
N LEU B 488 26.77 -10.32 16.33
CA LEU B 488 27.82 -10.20 17.33
C LEU B 488 28.95 -11.18 17.01
N GLY B 489 30.19 -10.73 17.16
CA GLY B 489 31.34 -11.57 16.87
C GLY B 489 31.57 -12.58 17.97
PG ATP C . 15.20 -8.64 -15.86
O1G ATP C . 15.47 -7.55 -14.82
O2G ATP C . 14.20 -8.18 -16.98
O3G ATP C . 16.53 -9.15 -16.55
PB ATP C . 13.78 -10.03 -13.79
O1B ATP C . 13.08 -11.33 -13.67
O2B ATP C . 14.82 -9.76 -12.67
O3B ATP C . 14.52 -9.91 -15.20
PA ATP C . 11.51 -8.39 -14.71
O1A ATP C . 11.83 -8.10 -16.12
O2A ATP C . 10.96 -7.18 -13.99
O3A ATP C . 12.78 -8.80 -13.83
O5' ATP C . 10.57 -9.65 -14.57
C5' ATP C . 10.08 -10.10 -13.29
C4' ATP C . 8.77 -10.79 -13.56
O4' ATP C . 7.83 -9.84 -14.12
C3' ATP C . 8.82 -11.96 -14.53
O3' ATP C . 7.94 -12.96 -14.05
C2' ATP C . 8.34 -11.33 -15.85
O2' ATP C . 7.75 -12.27 -16.75
C1' ATP C . 7.29 -10.37 -15.32
N9 ATP C . 6.96 -9.26 -16.21
C8 ATP C . 7.76 -8.67 -17.16
N7 ATP C . 7.17 -7.72 -17.84
C5 ATP C . 5.88 -7.68 -17.30
C6 ATP C . 4.78 -6.83 -17.53
N6 ATP C . 4.79 -5.84 -18.43
N1 ATP C . 3.70 -6.99 -16.75
C2 ATP C . 3.72 -7.92 -15.79
N3 ATP C . 4.69 -8.79 -15.49
C4 ATP C . 5.75 -8.61 -16.29
C1 PEG D . 17.24 -19.17 5.88
O1 PEG D . 18.04 -18.83 4.75
C2 PEG D . 16.40 -18.01 6.34
O2 PEG D . 15.28 -17.82 5.49
C3 PEG D . 14.95 -16.45 5.33
C4 PEG D . 13.77 -16.29 4.44
O4 PEG D . 14.03 -16.74 3.13
C1 GOL E . -0.59 -0.71 -1.09
O1 GOL E . -1.21 -1.96 -1.35
C2 GOL E . -0.15 -0.06 -2.38
O2 GOL E . -1.16 -0.28 -3.37
C3 GOL E . 0.04 1.42 -2.15
O3 GOL E . 1.23 1.69 -1.40
C1 GOL F . 42.86 -14.15 -11.96
O1 GOL F . 44.17 -14.45 -11.50
C2 GOL F . 42.91 -13.19 -13.14
O2 GOL F . 41.58 -12.95 -13.59
C3 GOL F . 43.56 -11.90 -12.73
O3 GOL F . 43.48 -10.94 -13.79
C1 PEG G . -9.43 -11.42 13.11
O1 PEG G . -8.46 -12.15 12.36
C2 PEG G . -10.13 -12.29 14.11
O2 PEG G . -11.36 -12.77 13.60
C3 PEG G . -11.88 -13.85 14.36
C4 PEG G . -13.18 -13.44 15.02
O4 PEG G . -13.03 -13.03 16.39
O10 P4C H . 20.10 -15.76 4.66
C11 P4C H . 19.97 -16.38 3.40
C12 P4C H . 19.48 -15.38 2.36
O13 P4C H . 20.34 -15.34 1.26
C14 P4C H . 20.20 -14.22 0.44
C15 P4C H . 19.10 -14.49 -0.57
O16 P4C H . 18.35 -13.31 -0.79
C17 P4C H . 17.17 -13.53 -1.48
C18 P4C H . 16.33 -12.27 -1.36
O19 P4C H . 16.84 -11.30 -2.21
C20 P4C H . 15.86 -10.70 -3.02
C21 P4C H . 16.50 -10.29 -4.36
O22 P4C H . 17.31 -10.99 -4.89
C1 GOL I . 2.73 -3.97 13.86
O1 GOL I . 3.07 -2.60 13.92
C2 GOL I . 3.07 -4.54 12.50
O2 GOL I . 3.13 -5.97 12.59
C3 GOL I . 2.04 -4.14 11.48
O3 GOL I . 2.29 -4.74 10.22
PG ATP J . -16.87 14.90 -9.75
O1G ATP J . -18.17 15.71 -9.61
O2G ATP J . -17.12 13.36 -9.72
O3G ATP J . -16.08 15.28 -11.03
PB ATP J . -14.94 16.39 -8.08
O1B ATP J . -15.33 16.76 -6.70
O2B ATP J . -15.15 17.62 -9.00
O3B ATP J . -15.87 15.18 -8.53
PA ATP J . -12.63 15.12 -6.93
O1A ATP J . -12.11 13.77 -7.25
O2A ATP J . -13.64 14.91 -5.80
O3A ATP J . -13.44 15.82 -8.11
O5' ATP J . -11.47 16.02 -6.32
C5' ATP J . -10.83 15.68 -5.06
C4' ATP J . -9.52 16.42 -4.96
O4' ATP J . -8.61 15.97 -6.00
C3' ATP J . -9.58 17.93 -5.10
O3' ATP J . -8.61 18.50 -4.23
C2' ATP J . -9.23 18.15 -6.59
O2' ATP J . -8.76 19.45 -6.89
C1' ATP J . -8.17 17.07 -6.76
N9 ATP J . -7.94 16.62 -8.13
C8 ATP J . -8.81 16.60 -9.19
N7 ATP J . -8.27 16.19 -10.32
C5 ATP J . -6.96 15.92 -9.97
C6 ATP J . -5.88 15.37 -10.69
N6 ATP J . -5.92 15.14 -12.02
N1 ATP J . -4.74 15.09 -10.01
C2 ATP J . -4.69 15.37 -8.71
N3 ATP J . -5.63 15.91 -7.93
C4 ATP J . -6.74 16.17 -8.62
C1 PEG K . -13.13 11.21 13.52
O1 PEG K . -13.41 12.25 12.61
C2 PEG K . -13.54 11.60 14.90
O2 PEG K . -14.95 11.61 14.97
C3 PEG K . -15.44 11.91 16.26
C4 PEG K . -16.92 12.08 16.20
O4 PEG K . -17.29 13.22 15.44
C1 PEG L . -1.25 -2.94 13.62
O1 PEG L . -1.96 -4.16 13.41
C2 PEG L . -1.89 -1.79 12.89
O2 PEG L . -1.10 -1.38 11.79
C3 PEG L . -1.19 -2.21 10.64
C4 PEG L . -1.99 -1.54 9.55
O4 PEG L . -2.19 -2.39 8.41
S SO4 M . 13.79 8.65 12.92
O1 SO4 M . 14.12 8.37 11.53
O2 SO4 M . 13.07 9.92 13.04
O3 SO4 M . 15.04 8.73 13.69
O4 SO4 M . 12.95 7.59 13.47
O10 P4C N . -23.31 11.76 12.27
C11 P4C N . -22.70 12.27 11.11
C12 P4C N . -21.22 11.89 11.05
O13 P4C N . -20.75 11.91 9.72
C14 P4C N . -19.40 12.27 9.60
C15 P4C N . -18.80 11.55 8.41
O16 P4C N . -17.71 12.26 7.89
C17 P4C N . -16.65 11.52 7.35
C18 P4C N . -17.06 10.90 6.03
O19 P4C N . -15.97 10.32 5.36
C20 P4C N . -15.67 10.89 4.12
C21 P4C N . -16.85 10.78 3.15
O22 P4C N . -17.53 11.74 2.91
#